data_3HPY
#
_entry.id   3HPY
#
_cell.length_a   96.100
_cell.length_b   97.600
_cell.length_c   133.700
_cell.angle_alpha   90.00
_cell.angle_beta   90.00
_cell.angle_gamma   90.00
#
_symmetry.space_group_name_H-M   'P 21 21 21'
#
loop_
_entity.id
_entity.type
_entity.pdbx_description
1 polymer 'Catechol 2,3-dioxygenase'
2 non-polymer 'FE (III) ION'
3 non-polymer 4-METHYLCATECHOL
4 water water
#
_entity_poly.entity_id   1
_entity_poly.type   'polypeptide(L)'
_entity_poly.pdbx_seq_one_letter_code
;MAMTGVLRPGHAQVRVLNLEEGIHFYRNVLGLVETGRDDQGRVYFKCWDERDHSCYIIREADTAGIDFFGFKVLDKATLE
KLDADLQAYGLTTTRIPAGEMLETGERVRFELPSGHLIELYAEKTCVGNGISEVNPAPWNAQREHGIAPIQLDHCLLYGP
NIAEVQKIFTEVLGFYLVERVLSPDGDSDMGIWLSCSHKVHDIAFVEYPEKGKLHHCSFLLESWEQVLRAGDIMSMNEVN
VDIGPTRHGVTRGCTIYAWDPSGNRFETFMGGYHPYPDYEPLSWTYDNFAQGLDYPQRKLHETFMTVVT
;
_entity_poly.pdbx_strand_id   A,B,C,D
#
# COMPACT_ATOMS: atom_id res chain seq x y z
N ALA A 2 10.23 14.58 -26.51
CA ALA A 2 11.48 14.11 -25.93
C ALA A 2 11.96 15.07 -24.86
N MET A 3 12.76 14.49 -24.00
CA MET A 3 13.31 15.32 -22.92
C MET A 3 14.52 16.07 -23.44
N THR A 4 14.50 17.38 -23.27
CA THR A 4 15.56 18.26 -23.81
C THR A 4 15.86 19.48 -22.91
N GLY A 5 16.87 20.27 -23.27
CA GLY A 5 17.21 21.43 -22.47
C GLY A 5 17.59 21.07 -21.04
N VAL A 6 16.93 21.68 -20.05
CA VAL A 6 17.23 21.35 -18.65
C VAL A 6 16.51 20.03 -18.38
N LEU A 7 17.23 19.02 -17.88
CA LEU A 7 16.61 17.72 -17.64
C LEU A 7 15.97 17.48 -16.26
N ARG A 8 16.74 17.70 -15.21
CA ARG A 8 16.26 17.45 -13.84
C ARG A 8 17.18 18.07 -12.81
N PRO A 9 16.73 18.14 -11.54
CA PRO A 9 17.57 18.71 -10.50
C PRO A 9 18.82 17.83 -10.47
N GLY A 10 19.99 18.45 -10.52
CA GLY A 10 21.24 17.70 -10.54
C GLY A 10 21.89 17.57 -9.19
N HIS A 11 21.94 18.65 -8.42
CA HIS A 11 22.51 18.61 -7.09
C HIS A 11 22.16 19.83 -6.27
N ALA A 12 22.19 19.67 -4.96
CA ALA A 12 21.93 20.77 -4.04
C ALA A 12 23.06 20.71 -3.02
N GLN A 13 23.78 21.82 -2.83
CA GLN A 13 24.86 21.84 -1.86
C GLN A 13 24.40 22.64 -0.65
N VAL A 14 24.26 21.93 0.46
CA VAL A 14 23.77 22.49 1.70
C VAL A 14 24.83 22.61 2.78
N ARG A 15 24.67 23.61 3.64
CA ARG A 15 25.58 23.88 4.74
C ARG A 15 25.16 23.20 6.03
N VAL A 16 26.08 22.44 6.64
CA VAL A 16 25.81 21.75 7.91
C VAL A 16 26.77 22.31 8.98
N LEU A 17 26.28 22.46 10.21
CA LEU A 17 27.10 23.01 11.31
C LEU A 17 28.14 22.00 11.84
N ASN A 18 27.79 20.72 11.80
CA ASN A 18 28.70 19.68 12.26
C ASN A 18 28.81 18.65 11.16
N LEU A 19 29.94 18.71 10.45
CA LEU A 19 30.19 17.81 9.34
C LEU A 19 29.97 16.33 9.67
N GLU A 20 30.69 15.80 10.66
CA GLU A 20 30.55 14.39 11.02
C GLU A 20 29.11 13.99 11.36
N GLU A 21 28.45 14.77 12.21
CA GLU A 21 27.08 14.43 12.54
C GLU A 21 26.17 14.58 11.31
N GLY A 22 26.59 15.41 10.36
CA GLY A 22 25.82 15.58 9.13
C GLY A 22 25.93 14.34 8.27
N ILE A 23 27.12 13.78 8.22
CA ILE A 23 27.38 12.57 7.45
C ILE A 23 26.59 11.42 8.07
N HIS A 24 26.61 11.34 9.40
CA HIS A 24 25.90 10.28 10.06
C HIS A 24 24.39 10.34 9.81
N PHE A 25 23.80 11.54 9.87
CA PHE A 25 22.37 11.65 9.62
C PHE A 25 22.00 11.33 8.18
N TYR A 26 22.72 11.94 7.24
CA TYR A 26 22.43 11.69 5.84
C TYR A 26 22.70 10.29 5.36
N ARG A 27 23.62 9.58 6.00
CA ARG A 27 23.86 8.26 5.48
C ARG A 27 23.16 7.15 6.25
N ASN A 28 22.81 7.41 7.51
CA ASN A 28 22.15 6.44 8.37
C ASN A 28 20.65 6.61 8.47
N VAL A 29 20.21 7.85 8.64
CA VAL A 29 18.78 8.11 8.74
C VAL A 29 18.16 8.25 7.35
N LEU A 30 18.54 9.30 6.62
CA LEU A 30 17.97 9.50 5.28
C LEU A 30 18.32 8.36 4.35
N GLY A 31 19.45 7.73 4.59
CA GLY A 31 19.85 6.61 3.75
C GLY A 31 20.39 6.97 2.37
N LEU A 32 21.13 8.08 2.28
CA LEU A 32 21.75 8.45 1.00
C LEU A 32 23.05 7.66 0.95
N VAL A 33 23.56 7.44 -0.25
CA VAL A 33 24.81 6.70 -0.41
C VAL A 33 25.99 7.67 -0.60
N GLU A 34 26.96 7.61 0.32
CA GLU A 34 28.13 8.47 0.23
C GLU A 34 28.94 8.04 -0.98
N THR A 35 29.40 9.01 -1.78
CA THR A 35 30.17 8.69 -2.98
C THR A 35 31.56 9.29 -3.02
N GLY A 36 31.90 10.14 -2.05
CA GLY A 36 33.23 10.72 -2.06
C GLY A 36 33.39 11.89 -1.11
N ARG A 37 34.64 12.29 -0.91
CA ARG A 37 34.97 13.42 -0.06
C ARG A 37 36.11 14.16 -0.77
N ASP A 38 36.03 15.49 -0.80
CA ASP A 38 37.05 16.26 -1.49
C ASP A 38 38.00 17.05 -0.60
N ASP A 39 39.01 17.66 -1.22
CA ASP A 39 40.01 18.42 -0.48
C ASP A 39 39.46 19.59 0.32
N GLN A 40 38.25 20.04 0.00
CA GLN A 40 37.66 21.18 0.72
C GLN A 40 36.87 20.72 1.95
N GLY A 41 36.69 19.41 2.07
CA GLY A 41 35.96 18.89 3.21
C GLY A 41 34.49 18.57 2.93
N ARG A 42 34.07 18.70 1.68
CA ARG A 42 32.69 18.40 1.32
C ARG A 42 32.49 16.91 1.13
N VAL A 43 31.30 16.44 1.50
CA VAL A 43 30.97 15.04 1.36
C VAL A 43 29.84 14.92 0.35
N TYR A 44 29.98 13.98 -0.59
CA TYR A 44 29.02 13.77 -1.65
C TYR A 44 28.10 12.57 -1.45
N PHE A 45 26.81 12.75 -1.74
CA PHE A 45 25.85 11.66 -1.63
C PHE A 45 24.96 11.59 -2.86
N LYS A 46 24.34 10.43 -3.05
CA LYS A 46 23.40 10.26 -4.14
C LYS A 46 22.34 9.33 -3.59
N CYS A 47 21.19 9.32 -4.24
CA CYS A 47 20.10 8.42 -3.85
C CYS A 47 20.53 7.10 -4.46
N TRP A 48 20.22 5.98 -3.80
CA TRP A 48 20.66 4.69 -4.33
C TRP A 48 20.24 4.40 -5.76
N ASP A 49 19.00 4.73 -6.09
CA ASP A 49 18.44 4.45 -7.42
C ASP A 49 18.89 5.39 -8.53
N GLU A 50 19.55 6.51 -8.20
CA GLU A 50 20.01 7.39 -9.26
C GLU A 50 21.23 6.74 -9.89
N ARG A 51 21.68 7.31 -11.00
CA ARG A 51 22.83 6.76 -11.70
C ARG A 51 24.06 7.65 -11.64
N ASP A 52 23.86 8.95 -11.43
CA ASP A 52 25.00 9.88 -11.36
C ASP A 52 25.68 9.90 -9.99
N HIS A 53 26.94 10.32 -9.98
CA HIS A 53 27.78 10.37 -8.78
C HIS A 53 27.25 11.11 -7.56
N SER A 54 26.54 12.23 -7.75
CA SER A 54 26.01 12.97 -6.61
C SER A 54 24.78 13.82 -6.92
N CYS A 55 23.96 14.03 -5.89
CA CYS A 55 22.77 14.86 -6.01
C CYS A 55 22.63 15.72 -4.76
N TYR A 56 23.44 15.42 -3.75
CA TYR A 56 23.33 16.15 -2.49
C TYR A 56 24.69 16.27 -1.81
N ILE A 57 25.18 17.51 -1.68
CA ILE A 57 26.48 17.73 -1.07
C ILE A 57 26.41 18.52 0.21
N ILE A 58 27.20 18.10 1.19
CA ILE A 58 27.21 18.84 2.43
C ILE A 58 28.61 19.41 2.66
N ARG A 59 28.65 20.62 3.20
CA ARG A 59 29.88 21.38 3.49
C ARG A 59 29.73 22.08 4.85
N GLU A 60 30.66 21.84 5.77
CA GLU A 60 30.58 22.46 7.09
C GLU A 60 30.66 23.97 6.99
N ALA A 61 29.79 24.68 7.70
CA ALA A 61 29.79 26.14 7.66
C ALA A 61 29.31 26.70 8.99
N ASP A 62 29.31 28.03 9.08
CA ASP A 62 28.87 28.71 10.29
C ASP A 62 27.37 28.88 10.32
N THR A 63 26.73 28.84 9.16
CA THR A 63 25.29 28.99 9.09
C THR A 63 24.69 27.91 8.19
N ALA A 64 23.51 27.41 8.56
CA ALA A 64 22.86 26.38 7.74
C ALA A 64 22.32 27.06 6.49
N GLY A 65 21.81 26.26 5.56
CA GLY A 65 21.24 26.83 4.34
C GLY A 65 21.77 26.20 3.08
N ILE A 66 21.38 26.75 1.93
CA ILE A 66 21.83 26.19 0.68
C ILE A 66 22.85 27.10 -0.01
N ASP A 67 23.94 26.51 -0.45
CA ASP A 67 24.95 27.28 -1.17
C ASP A 67 24.46 27.42 -2.62
N PHE A 68 24.01 26.32 -3.20
CA PHE A 68 23.52 26.37 -4.59
C PHE A 68 22.76 25.13 -5.04
N PHE A 69 21.92 25.33 -6.06
CA PHE A 69 21.08 24.29 -6.64
C PHE A 69 21.40 24.18 -8.13
N GLY A 70 21.79 22.98 -8.57
CA GLY A 70 22.12 22.79 -9.97
C GLY A 70 21.28 21.79 -10.73
N PHE A 71 21.11 22.07 -12.03
CA PHE A 71 20.35 21.22 -12.93
C PHE A 71 21.25 20.65 -14.01
N LYS A 72 21.03 19.38 -14.34
CA LYS A 72 21.80 18.75 -15.40
C LYS A 72 21.04 19.03 -16.69
N VAL A 73 21.76 19.38 -17.75
CA VAL A 73 21.13 19.65 -19.04
C VAL A 73 21.49 18.52 -20.00
N LEU A 74 20.76 18.47 -21.11
CA LEU A 74 20.93 17.42 -22.11
C LEU A 74 22.37 17.11 -22.52
N ASP A 75 23.11 18.13 -22.93
CA ASP A 75 24.49 17.94 -23.41
C ASP A 75 25.32 19.22 -23.38
N LYS A 76 26.60 19.11 -23.72
CA LYS A 76 27.48 20.28 -23.70
C LYS A 76 26.98 21.39 -24.60
N ALA A 77 26.48 21.01 -25.78
CA ALA A 77 25.97 22.01 -26.70
C ALA A 77 24.85 22.79 -26.02
N THR A 78 23.92 22.08 -25.41
CA THR A 78 22.78 22.71 -24.74
C THR A 78 23.28 23.63 -23.63
N LEU A 79 24.30 23.19 -22.91
CA LEU A 79 24.85 23.99 -21.83
C LEU A 79 25.35 25.33 -22.41
N GLU A 80 26.13 25.26 -23.48
CA GLU A 80 26.63 26.50 -24.10
C GLU A 80 25.49 27.41 -24.47
N LYS A 81 24.46 26.83 -25.09
CA LYS A 81 23.30 27.60 -25.51
C LYS A 81 22.57 28.29 -24.35
N LEU A 82 22.38 27.56 -23.26
CA LEU A 82 21.71 28.11 -22.09
C LEU A 82 22.49 29.30 -21.53
N ASP A 83 23.80 29.15 -21.41
CA ASP A 83 24.65 30.23 -20.88
C ASP A 83 24.45 31.49 -21.73
N ALA A 84 24.56 31.33 -23.04
CA ALA A 84 24.39 32.46 -23.96
C ALA A 84 23.01 33.11 -23.77
N ASP A 85 21.97 32.29 -23.74
CA ASP A 85 20.61 32.81 -23.55
C ASP A 85 20.45 33.51 -22.20
N LEU A 86 21.11 32.99 -21.16
CA LEU A 86 21.03 33.60 -19.83
C LEU A 86 21.65 34.98 -19.91
N GLN A 87 22.77 35.08 -20.62
CA GLN A 87 23.43 36.37 -20.74
C GLN A 87 22.60 37.35 -21.54
N ALA A 88 22.12 36.92 -22.71
CA ALA A 88 21.30 37.76 -23.56
C ALA A 88 20.11 38.28 -22.79
N TYR A 89 19.59 37.45 -21.87
CA TYR A 89 18.45 37.86 -21.05
C TYR A 89 18.83 39.03 -20.17
N GLY A 90 20.09 39.11 -19.80
CA GLY A 90 20.53 40.21 -18.95
C GLY A 90 21.17 39.75 -17.65
N LEU A 91 21.35 38.45 -17.50
CA LEU A 91 21.95 37.90 -16.29
C LEU A 91 23.45 37.74 -16.49
N THR A 92 24.21 37.77 -15.40
CA THR A 92 25.65 37.56 -15.48
C THR A 92 25.87 36.11 -15.08
N THR A 93 26.71 35.42 -15.83
CA THR A 93 27.00 34.03 -15.56
C THR A 93 28.48 33.85 -15.27
N THR A 94 28.77 32.91 -14.38
CA THR A 94 30.14 32.60 -14.01
C THR A 94 30.39 31.14 -14.29
N ARG A 95 31.44 30.86 -15.04
CA ARG A 95 31.73 29.50 -15.35
C ARG A 95 32.68 28.80 -14.37
N ILE A 96 32.19 27.76 -13.70
CA ILE A 96 33.00 26.99 -12.75
C ILE A 96 33.64 25.83 -13.49
N PRO A 97 34.96 25.66 -13.33
CA PRO A 97 35.67 24.58 -14.02
C PRO A 97 35.33 23.16 -13.60
N ALA A 98 35.53 22.23 -14.54
CA ALA A 98 35.29 20.82 -14.25
C ALA A 98 36.27 20.39 -13.17
N GLY A 99 35.84 19.45 -12.32
CA GLY A 99 36.71 18.98 -11.26
C GLY A 99 36.60 19.82 -10.00
N GLU A 100 36.09 21.04 -10.12
CA GLU A 100 35.94 21.91 -8.96
C GLU A 100 35.10 21.12 -7.96
N MET A 101 34.24 20.27 -8.51
CA MET A 101 33.39 19.38 -7.74
C MET A 101 33.75 17.99 -8.22
N LEU A 102 34.03 17.09 -7.27
CA LEU A 102 34.38 15.72 -7.60
C LEU A 102 33.48 15.16 -8.71
N GLU A 103 34.10 14.53 -9.70
CA GLU A 103 33.42 13.90 -10.83
C GLU A 103 32.43 14.79 -11.59
N THR A 104 32.58 16.11 -11.47
CA THR A 104 31.64 16.99 -12.14
C THR A 104 32.25 17.90 -13.20
N GLY A 105 31.58 17.98 -14.35
CA GLY A 105 32.05 18.83 -15.43
C GLY A 105 31.90 20.29 -15.07
N GLU A 106 32.28 21.18 -15.98
CA GLU A 106 32.20 22.60 -15.72
C GLU A 106 30.74 22.99 -15.54
N ARG A 107 30.49 24.09 -14.83
CA ARG A 107 29.12 24.52 -14.61
C ARG A 107 28.89 25.99 -14.86
N VAL A 108 27.68 26.30 -15.31
CA VAL A 108 27.26 27.66 -15.55
C VAL A 108 26.49 28.10 -14.31
N ARG A 109 27.04 29.06 -13.58
CA ARG A 109 26.38 29.55 -12.35
C ARG A 109 25.88 30.97 -12.47
N PHE A 110 24.75 31.24 -11.82
CA PHE A 110 24.18 32.58 -11.81
C PHE A 110 23.30 32.80 -10.59
N GLU A 111 23.06 34.07 -10.26
CA GLU A 111 22.24 34.46 -9.12
C GLU A 111 20.87 34.94 -9.57
N LEU A 112 19.83 34.39 -8.97
CA LEU A 112 18.46 34.80 -9.30
C LEU A 112 18.11 36.06 -8.51
N PRO A 113 17.07 36.78 -8.96
CA PRO A 113 16.63 38.00 -8.28
C PRO A 113 16.21 37.69 -6.84
N SER A 114 15.97 36.41 -6.55
CA SER A 114 15.56 36.01 -5.20
C SER A 114 16.79 35.78 -4.32
N GLY A 115 17.97 35.89 -4.93
CA GLY A 115 19.20 35.72 -4.20
C GLY A 115 19.83 34.34 -4.26
N HIS A 116 19.08 33.35 -4.69
CA HIS A 116 19.62 31.99 -4.76
C HIS A 116 20.53 31.79 -5.96
N LEU A 117 21.51 30.91 -5.79
CA LEU A 117 22.45 30.59 -6.85
C LEU A 117 22.06 29.33 -7.61
N ILE A 118 21.92 29.46 -8.92
CA ILE A 118 21.54 28.30 -9.73
C ILE A 118 22.70 27.92 -10.66
N GLU A 119 22.84 26.62 -10.90
CA GLU A 119 23.92 26.11 -11.74
C GLU A 119 23.37 25.19 -12.81
N LEU A 120 24.03 25.15 -13.95
CA LEU A 120 23.66 24.27 -15.05
C LEU A 120 24.92 23.50 -15.45
N TYR A 121 24.79 22.21 -15.71
CA TYR A 121 25.93 21.39 -16.14
C TYR A 121 25.42 20.28 -17.02
N ALA A 122 26.31 19.70 -17.79
CA ALA A 122 25.92 18.62 -18.68
C ALA A 122 26.73 17.37 -18.38
N GLU A 123 27.77 17.53 -17.58
CA GLU A 123 28.65 16.41 -17.26
C GLU A 123 28.74 16.02 -15.81
N LYS A 124 28.47 14.75 -15.54
CA LYS A 124 28.54 14.21 -14.21
C LYS A 124 28.79 12.71 -14.37
N THR A 125 29.81 12.20 -13.71
CA THR A 125 30.14 10.79 -13.84
C THR A 125 28.99 9.86 -13.43
N CYS A 126 28.74 8.85 -14.24
CA CYS A 126 27.70 7.87 -13.96
C CYS A 126 28.34 6.71 -13.18
N VAL A 127 27.84 6.44 -11.98
CA VAL A 127 28.37 5.36 -11.15
C VAL A 127 27.42 4.16 -11.02
N GLY A 128 26.20 4.32 -11.49
CA GLY A 128 25.22 3.24 -11.41
C GLY A 128 24.38 3.33 -10.16
N ASN A 129 23.36 2.48 -10.06
CA ASN A 129 22.48 2.46 -8.89
C ASN A 129 22.73 1.23 -8.03
N GLY A 130 23.90 0.63 -8.21
CA GLY A 130 24.28 -0.54 -7.45
C GLY A 130 23.67 -1.82 -7.98
N ILE A 131 22.98 -1.75 -9.11
CA ILE A 131 22.36 -2.93 -9.69
C ILE A 131 22.93 -3.20 -11.06
N SER A 132 23.13 -4.48 -11.39
CA SER A 132 23.67 -4.85 -12.69
C SER A 132 22.86 -4.22 -13.82
N GLU A 133 23.50 -4.03 -14.97
CA GLU A 133 22.82 -3.46 -16.13
C GLU A 133 22.20 -4.59 -16.97
N VAL A 134 22.51 -5.83 -16.60
CA VAL A 134 21.97 -7.01 -17.29
C VAL A 134 21.09 -7.79 -16.32
N ASN A 135 19.85 -8.08 -16.74
CA ASN A 135 18.90 -8.79 -15.89
C ASN A 135 18.84 -8.09 -14.53
N PRO A 136 18.59 -6.77 -14.54
CA PRO A 136 18.53 -5.99 -13.29
C PRO A 136 17.35 -6.31 -12.39
N ALA A 137 17.59 -6.39 -11.08
CA ALA A 137 16.52 -6.63 -10.13
C ALA A 137 15.85 -5.27 -9.88
N PRO A 138 14.66 -5.26 -9.26
CA PRO A 138 13.94 -4.00 -8.98
C PRO A 138 14.59 -3.16 -7.88
N TRP A 139 15.30 -3.83 -6.97
CA TRP A 139 15.99 -3.16 -5.87
C TRP A 139 16.93 -4.15 -5.17
N ASN A 140 17.62 -3.66 -4.15
CA ASN A 140 18.55 -4.48 -3.37
C ASN A 140 18.65 -3.91 -1.96
N ALA A 141 19.58 -4.41 -1.16
CA ALA A 141 19.77 -3.96 0.22
C ALA A 141 19.71 -2.44 0.41
N GLN A 142 20.22 -1.70 -0.56
CA GLN A 142 20.22 -0.25 -0.45
C GLN A 142 18.84 0.35 -0.22
N ARG A 143 17.77 -0.19 -0.80
CA ARG A 143 16.51 0.48 -0.54
C ARG A 143 15.98 0.26 0.87
N GLU A 144 16.75 -0.41 1.71
CA GLU A 144 16.32 -0.61 3.09
C GLU A 144 17.37 -0.08 4.07
N HIS A 145 18.30 0.72 3.56
CA HIS A 145 19.33 1.34 4.39
C HIS A 145 18.75 2.70 4.76
N GLY A 146 18.24 2.84 5.97
CA GLY A 146 17.65 4.10 6.37
C GLY A 146 16.45 4.39 5.49
N ILE A 147 16.04 5.65 5.38
CA ILE A 147 14.88 6.00 4.56
C ILE A 147 15.02 5.50 3.12
N ALA A 148 16.20 5.70 2.54
CA ALA A 148 16.52 5.28 1.18
C ALA A 148 15.66 5.91 0.08
N PRO A 149 15.72 7.23 -0.06
CA PRO A 149 14.90 7.85 -1.11
C PRO A 149 15.43 7.48 -2.50
N ILE A 150 14.57 7.65 -3.51
CA ILE A 150 14.87 7.32 -4.90
C ILE A 150 15.58 8.39 -5.72
N GLN A 151 15.26 9.65 -5.48
CA GLN A 151 15.89 10.75 -6.25
C GLN A 151 15.76 12.13 -5.59
N LEU A 152 16.66 13.05 -5.96
CA LEU A 152 16.58 14.42 -5.48
C LEU A 152 15.43 14.90 -6.35
N ASP A 153 14.29 15.17 -5.75
CA ASP A 153 13.10 15.52 -6.53
C ASP A 153 12.96 17.01 -6.87
N HIS A 154 13.30 17.87 -5.93
CA HIS A 154 13.22 19.32 -6.12
C HIS A 154 13.64 20.04 -4.85
N CYS A 155 13.39 21.34 -4.81
CA CYS A 155 13.66 22.16 -3.63
C CYS A 155 12.63 23.27 -3.62
N LEU A 156 12.47 23.92 -2.48
CA LEU A 156 11.52 25.02 -2.35
C LEU A 156 12.33 26.18 -1.79
N LEU A 157 12.48 27.20 -2.61
CA LEU A 157 13.25 28.39 -2.26
C LEU A 157 12.38 29.59 -1.91
N TYR A 158 12.76 30.30 -0.85
CA TYR A 158 12.08 31.50 -0.36
C TYR A 158 12.86 32.74 -0.79
N GLY A 159 12.26 33.58 -1.61
CA GLY A 159 12.97 34.75 -2.03
C GLY A 159 12.05 35.86 -2.45
N PRO A 160 12.58 37.07 -2.59
CA PRO A 160 11.76 38.21 -3.00
C PRO A 160 11.82 38.18 -4.51
N ASN A 161 10.94 38.90 -5.19
CA ASN A 161 11.06 38.94 -6.64
C ASN A 161 10.85 37.63 -7.39
N ILE A 162 9.87 36.87 -6.93
CA ILE A 162 9.52 35.59 -7.51
C ILE A 162 8.97 35.75 -8.91
N ALA A 163 8.34 36.88 -9.18
CA ALA A 163 7.80 37.11 -10.50
C ALA A 163 8.93 37.14 -11.54
N GLU A 164 10.05 37.74 -11.17
CA GLU A 164 11.18 37.82 -12.09
C GLU A 164 11.83 36.43 -12.18
N VAL A 165 11.75 35.66 -11.11
CA VAL A 165 12.33 34.31 -11.11
C VAL A 165 11.52 33.47 -12.08
N GLN A 166 10.19 33.60 -12.04
CA GLN A 166 9.35 32.84 -12.94
C GLN A 166 9.70 33.10 -14.40
N LYS A 167 9.90 34.37 -14.73
CA LYS A 167 10.23 34.74 -16.09
C LYS A 167 11.47 34.04 -16.58
N ILE A 168 12.55 34.13 -15.81
CA ILE A 168 13.81 33.50 -16.18
C ILE A 168 13.63 31.99 -16.44
N PHE A 169 12.94 31.31 -15.53
CA PHE A 169 12.75 29.88 -15.70
C PHE A 169 11.86 29.49 -16.86
N THR A 170 10.80 30.25 -17.11
CA THR A 170 9.88 29.91 -18.20
C THR A 170 10.26 30.44 -19.57
N GLU A 171 10.97 31.56 -19.58
CA GLU A 171 11.39 32.21 -20.82
C GLU A 171 12.80 31.86 -21.25
N VAL A 172 13.65 31.47 -20.32
CA VAL A 172 15.02 31.14 -20.68
C VAL A 172 15.38 29.68 -20.48
N LEU A 173 15.00 29.12 -19.33
CA LEU A 173 15.34 27.74 -18.99
C LEU A 173 14.40 26.61 -19.46
N GLY A 174 13.35 26.98 -20.20
CA GLY A 174 12.45 25.98 -20.73
C GLY A 174 11.55 25.29 -19.71
N PHE A 175 11.18 26.02 -18.66
CA PHE A 175 10.31 25.50 -17.61
C PHE A 175 8.89 26.02 -17.84
N TYR A 176 7.94 25.46 -17.12
CA TYR A 176 6.56 25.92 -17.22
C TYR A 176 5.86 25.81 -15.87
N LEU A 177 4.90 26.70 -15.65
CA LEU A 177 4.14 26.77 -14.41
C LEU A 177 3.15 25.63 -14.25
N VAL A 178 3.27 24.83 -13.18
CA VAL A 178 2.33 23.74 -12.94
C VAL A 178 1.25 24.18 -11.97
N GLU A 179 1.65 24.81 -10.87
CA GLU A 179 0.67 25.29 -9.90
C GLU A 179 1.10 26.65 -9.35
N ARG A 180 0.14 27.45 -8.89
CA ARG A 180 0.43 28.76 -8.32
C ARG A 180 -0.46 29.05 -7.12
N VAL A 181 0.00 29.94 -6.25
CA VAL A 181 -0.74 30.36 -5.06
C VAL A 181 -0.97 31.85 -5.21
N LEU A 182 -2.22 32.23 -5.42
CA LEU A 182 -2.58 33.64 -5.58
C LEU A 182 -2.17 34.45 -4.38
N SER A 183 -1.98 35.74 -4.61
CA SER A 183 -1.64 36.61 -3.52
C SER A 183 -3.01 37.05 -3.01
N PRO A 184 -3.09 37.39 -1.72
CA PRO A 184 -4.24 37.84 -0.92
C PRO A 184 -5.29 38.52 -1.85
N ASP A 185 -5.01 39.62 -2.54
CA ASP A 185 -5.96 40.06 -3.59
C ASP A 185 -5.25 41.00 -4.51
N GLY A 186 -4.01 41.33 -4.15
CA GLY A 186 -3.22 42.21 -4.99
C GLY A 186 -3.02 41.45 -6.29
N ASP A 187 -3.28 40.16 -6.17
CA ASP A 187 -3.16 39.25 -7.27
C ASP A 187 -1.92 39.27 -8.11
N SER A 188 -0.97 38.53 -7.59
CA SER A 188 0.32 38.27 -8.18
C SER A 188 0.46 36.85 -7.67
N ASP A 189 1.64 36.26 -7.75
CA ASP A 189 1.72 34.92 -7.23
C ASP A 189 2.60 34.97 -6.01
N MET A 190 2.13 34.39 -4.91
CA MET A 190 2.95 34.38 -3.71
C MET A 190 3.78 33.11 -3.75
N GLY A 191 3.41 32.19 -4.62
CA GLY A 191 4.14 30.95 -4.74
C GLY A 191 4.00 30.30 -6.10
N ILE A 192 5.07 29.67 -6.58
CA ILE A 192 5.06 29.01 -7.88
C ILE A 192 5.79 27.67 -7.85
N TRP A 193 5.25 26.73 -8.61
CA TRP A 193 5.78 25.38 -8.71
C TRP A 193 6.02 25.14 -10.20
N LEU A 194 7.30 25.10 -10.56
CA LEU A 194 7.76 24.96 -11.94
C LEU A 194 8.29 23.59 -12.32
N SER A 195 8.09 23.22 -13.58
CA SER A 195 8.55 21.93 -14.09
C SER A 195 9.33 22.07 -15.40
N CYS A 196 10.32 21.21 -15.60
CA CYS A 196 11.08 21.23 -16.87
C CYS A 196 10.97 19.82 -17.45
N SER A 197 9.90 19.14 -17.08
CA SER A 197 9.65 17.76 -17.50
C SER A 197 8.15 17.46 -17.40
N HIS A 198 7.78 16.25 -17.00
CA HIS A 198 6.36 16.00 -16.79
C HIS A 198 6.07 15.74 -15.32
N LYS A 199 7.01 16.16 -14.46
CA LYS A 199 6.84 16.03 -13.01
C LYS A 199 6.06 17.24 -12.50
N VAL A 200 5.31 17.06 -11.40
CA VAL A 200 4.53 18.16 -10.81
C VAL A 200 5.41 19.39 -10.61
N HIS A 201 6.65 19.18 -10.17
CA HIS A 201 7.59 20.28 -10.02
C HIS A 201 9.03 19.85 -9.85
N ASP A 202 9.93 20.60 -10.49
CA ASP A 202 11.34 20.34 -10.39
C ASP A 202 11.97 21.38 -9.45
N ILE A 203 11.27 22.47 -9.21
CA ILE A 203 11.73 23.51 -8.28
C ILE A 203 10.55 24.41 -8.02
N ALA A 204 10.51 25.05 -6.88
CA ALA A 204 9.40 25.95 -6.58
C ALA A 204 9.91 27.14 -5.79
N PHE A 205 9.14 28.23 -5.81
CA PHE A 205 9.52 29.45 -5.09
C PHE A 205 8.36 30.08 -4.34
N VAL A 206 8.68 30.71 -3.21
CA VAL A 206 7.72 31.41 -2.39
C VAL A 206 8.25 32.82 -2.07
N GLU A 207 7.43 33.84 -2.36
CA GLU A 207 7.80 35.25 -2.13
C GLU A 207 8.14 35.45 -0.67
N TYR A 208 9.35 35.90 -0.41
CA TYR A 208 9.84 36.10 0.96
C TYR A 208 10.86 37.23 1.02
N PRO A 209 10.81 38.06 2.08
CA PRO A 209 11.72 39.20 2.26
C PRO A 209 13.22 38.86 2.15
N GLU A 210 13.69 37.88 2.92
CA GLU A 210 15.10 37.52 2.89
C GLU A 210 15.45 36.69 1.65
N LYS A 211 16.53 37.09 0.99
CA LYS A 211 16.99 36.40 -0.22
C LYS A 211 17.81 35.17 0.14
N GLY A 212 17.87 34.23 -0.80
CA GLY A 212 18.64 33.01 -0.59
C GLY A 212 18.13 32.04 0.46
N LYS A 213 16.92 32.25 0.96
CA LYS A 213 16.37 31.36 1.99
C LYS A 213 16.01 30.00 1.42
N LEU A 214 16.43 28.94 2.12
CA LEU A 214 16.10 27.58 1.68
C LEU A 214 14.96 27.08 2.57
N HIS A 215 13.88 26.61 1.98
CA HIS A 215 12.81 26.07 2.79
C HIS A 215 13.15 24.60 3.01
N HIS A 216 13.43 23.90 1.91
CA HIS A 216 13.81 22.50 1.98
C HIS A 216 14.16 21.90 0.65
N CYS A 217 14.88 20.79 0.71
CA CYS A 217 15.24 20.02 -0.47
C CYS A 217 14.27 18.86 -0.34
N SER A 218 13.95 18.18 -1.44
CA SER A 218 12.97 17.11 -1.37
C SER A 218 13.41 15.81 -2.00
N PHE A 219 13.09 14.71 -1.34
CA PHE A 219 13.48 13.40 -1.86
C PHE A 219 12.26 12.53 -2.18
N LEU A 220 12.30 11.84 -3.31
CA LEU A 220 11.17 11.00 -3.72
C LEU A 220 11.18 9.59 -3.13
N LEU A 221 9.98 9.12 -2.79
CA LEU A 221 9.78 7.77 -2.23
C LEU A 221 8.88 6.97 -3.14
N GLU A 222 9.00 5.64 -3.04
CA GLU A 222 8.25 4.68 -3.85
C GLU A 222 6.74 4.68 -3.67
N SER A 223 6.27 4.55 -2.42
CA SER A 223 4.83 4.51 -2.14
C SER A 223 4.43 5.18 -0.82
N TRP A 224 3.09 5.30 -0.54
CA TRP A 224 2.58 5.93 0.72
C TRP A 224 3.14 5.10 1.89
N GLU A 225 3.30 3.79 1.77
CA GLU A 225 3.80 3.01 2.89
C GLU A 225 5.24 3.35 3.21
N GLN A 226 6.02 3.69 2.18
CA GLN A 226 7.41 4.09 2.38
C GLN A 226 7.41 5.40 3.19
N VAL A 227 6.41 6.25 2.97
CA VAL A 227 6.32 7.50 3.72
C VAL A 227 6.08 7.21 5.21
N LEU A 228 5.22 6.23 5.49
CA LEU A 228 4.93 5.84 6.87
C LEU A 228 6.25 5.33 7.48
N ARG A 229 6.95 4.49 6.72
CA ARG A 229 8.21 3.92 7.16
C ARG A 229 9.26 4.99 7.47
N ALA A 230 9.33 5.99 6.62
CA ALA A 230 10.28 7.05 6.81
C ALA A 230 9.93 7.73 8.12
N GLY A 231 8.63 7.82 8.40
CA GLY A 231 8.17 8.44 9.63
C GLY A 231 8.68 7.71 10.86
N ASP A 232 8.61 6.39 10.80
CA ASP A 232 9.05 5.53 11.88
C ASP A 232 10.57 5.62 12.10
N ILE A 233 11.35 5.64 11.02
CA ILE A 233 12.80 5.70 11.13
C ILE A 233 13.21 7.00 11.80
N MET A 234 12.48 8.07 11.48
CA MET A 234 12.76 9.38 12.05
C MET A 234 12.55 9.37 13.56
N SER A 235 11.42 8.83 13.99
CA SER A 235 11.09 8.76 15.42
C SER A 235 12.16 7.95 16.18
N MET A 236 12.58 6.83 15.58
CA MET A 236 13.60 5.92 16.10
C MET A 236 14.93 6.63 16.32
N ASN A 237 15.18 7.63 15.47
CA ASN A 237 16.40 8.38 15.52
C ASN A 237 16.24 9.73 16.17
N GLU A 238 15.12 9.93 16.86
CA GLU A 238 14.85 11.19 17.55
C GLU A 238 14.90 12.37 16.58
N VAL A 239 14.57 12.12 15.31
CA VAL A 239 14.58 13.19 14.32
C VAL A 239 13.46 14.21 14.54
N ASN A 240 13.78 15.50 14.42
CA ASN A 240 12.76 16.54 14.58
C ASN A 240 11.88 16.63 13.33
N VAL A 241 10.59 16.35 13.50
CA VAL A 241 9.62 16.40 12.41
C VAL A 241 8.80 17.69 12.51
N ASP A 242 8.66 18.36 11.38
CA ASP A 242 7.91 19.61 11.26
C ASP A 242 6.50 19.07 11.31
N ILE A 243 6.00 18.84 10.09
CA ILE A 243 4.70 18.28 9.85
C ILE A 243 4.84 16.87 9.30
N GLY A 244 4.20 16.00 10.06
CA GLY A 244 4.14 14.55 9.90
C GLY A 244 3.50 14.08 8.63
N PRO A 245 3.37 12.75 8.46
CA PRO A 245 2.76 12.30 7.21
C PRO A 245 1.40 12.89 6.90
N THR A 246 1.28 13.43 5.69
CA THR A 246 0.04 14.04 5.26
C THR A 246 0.03 14.29 3.75
N ARG A 247 -1.09 14.81 3.25
CA ARG A 247 -1.27 15.14 1.84
C ARG A 247 -1.04 16.64 1.65
N HIS A 248 -0.37 17.00 0.56
CA HIS A 248 -0.09 18.41 0.27
C HIS A 248 -1.31 19.15 -0.24
N GLY A 249 -1.82 18.73 -1.39
CA GLY A 249 -2.97 19.39 -1.97
C GLY A 249 -2.48 20.28 -3.09
N VAL A 250 -1.61 21.24 -2.76
CA VAL A 250 -1.06 22.14 -3.76
C VAL A 250 -0.12 21.40 -4.70
N THR A 251 -0.20 20.07 -4.70
CA THR A 251 0.64 19.27 -5.56
C THR A 251 0.13 17.82 -5.59
N ARG A 252 -0.85 17.54 -4.74
CA ARG A 252 -1.46 16.23 -4.71
C ARG A 252 -0.55 15.08 -4.35
N GLY A 253 0.43 15.39 -3.51
CA GLY A 253 1.39 14.40 -3.06
C GLY A 253 1.54 14.38 -1.55
N CYS A 254 1.68 13.18 -1.01
CA CYS A 254 1.84 12.92 0.42
C CYS A 254 3.22 13.37 0.84
N THR A 255 3.44 13.52 2.15
CA THR A 255 4.75 14.01 2.55
C THR A 255 5.03 14.14 4.05
N ILE A 256 6.31 14.29 4.34
CA ILE A 256 6.76 14.52 5.70
C ILE A 256 7.85 15.57 5.62
N TYR A 257 7.73 16.60 6.45
CA TYR A 257 8.77 17.63 6.51
C TYR A 257 9.56 17.33 7.76
N ALA A 258 10.86 17.18 7.65
CA ALA A 258 11.67 16.93 8.83
C ALA A 258 12.91 17.80 8.80
N TRP A 259 13.61 17.84 9.92
CA TRP A 259 14.79 18.64 10.03
C TRP A 259 16.08 17.89 10.23
N ASP A 260 17.10 18.46 9.60
CA ASP A 260 18.48 18.04 9.62
C ASP A 260 18.98 18.38 11.04
N PRO A 261 20.07 17.75 11.51
CA PRO A 261 20.59 18.06 12.85
C PRO A 261 21.11 19.51 12.86
N SER A 262 21.39 20.06 11.68
CA SER A 262 21.87 21.43 11.59
C SER A 262 20.73 22.39 11.42
N GLY A 263 19.52 21.85 11.20
CA GLY A 263 18.36 22.70 11.02
C GLY A 263 17.88 22.92 9.59
N ASN A 264 18.38 22.11 8.67
CA ASN A 264 17.96 22.20 7.26
C ASN A 264 16.76 21.26 7.10
N ARG A 265 15.65 21.79 6.64
CA ARG A 265 14.45 20.99 6.43
C ARG A 265 14.56 20.21 5.12
N PHE A 266 14.12 18.97 5.14
CA PHE A 266 14.11 18.14 3.96
C PHE A 266 12.74 17.48 3.91
N GLU A 267 12.36 16.98 2.75
CA GLU A 267 11.06 16.35 2.55
C GLU A 267 11.21 14.96 1.93
N THR A 268 10.38 14.02 2.39
CA THR A 268 10.37 12.67 1.84
C THR A 268 8.92 12.56 1.43
N PHE A 269 8.67 12.36 0.14
CA PHE A 269 7.30 12.28 -0.32
C PHE A 269 7.19 11.41 -1.58
N MET A 270 5.95 11.20 -2.02
CA MET A 270 5.67 10.43 -3.23
C MET A 270 4.30 10.84 -3.73
N GLY A 271 3.99 10.50 -4.97
CA GLY A 271 2.69 10.86 -5.51
C GLY A 271 2.80 12.07 -6.41
N GLY A 272 1.65 12.55 -6.87
CA GLY A 272 1.60 13.68 -7.76
C GLY A 272 0.98 13.25 -9.06
N TYR A 273 0.40 14.19 -9.79
CA TYR A 273 -0.20 13.90 -11.09
C TYR A 273 0.90 14.08 -12.13
N HIS A 274 0.55 14.09 -13.41
CA HIS A 274 1.56 14.16 -14.47
C HIS A 274 1.33 15.23 -15.49
N PRO A 275 1.68 16.48 -15.16
CA PRO A 275 1.52 17.63 -16.05
C PRO A 275 2.46 17.57 -17.27
N TYR A 276 2.07 18.26 -18.34
CA TYR A 276 2.87 18.35 -19.55
C TYR A 276 2.90 19.82 -19.95
N PRO A 277 3.94 20.24 -20.66
CA PRO A 277 4.13 21.62 -21.12
C PRO A 277 2.86 22.26 -21.71
N ASP A 278 1.96 21.45 -22.26
CA ASP A 278 0.73 22.00 -22.85
C ASP A 278 -0.40 22.30 -21.86
N TYR A 279 -0.27 21.83 -20.62
CA TYR A 279 -1.31 22.05 -19.63
C TYR A 279 -1.29 23.46 -19.03
N GLU A 280 -2.46 23.91 -18.60
CA GLU A 280 -2.60 25.20 -17.95
C GLU A 280 -2.35 24.95 -16.47
N PRO A 281 -1.76 25.92 -15.76
CA PRO A 281 -1.48 25.73 -14.33
C PRO A 281 -2.71 25.70 -13.43
N LEU A 282 -2.59 25.03 -12.30
CA LEU A 282 -3.67 24.98 -11.33
C LEU A 282 -3.36 26.17 -10.43
N SER A 283 -4.36 26.67 -9.72
CA SER A 283 -4.11 27.81 -8.86
C SER A 283 -4.75 27.60 -7.50
N TRP A 284 -4.19 28.28 -6.49
CA TRP A 284 -4.69 28.21 -5.13
C TRP A 284 -4.91 29.62 -4.57
N THR A 285 -6.03 29.83 -3.88
CA THR A 285 -6.29 31.14 -3.29
C THR A 285 -5.45 31.24 -2.03
N TYR A 286 -4.95 32.44 -1.75
CA TYR A 286 -4.11 32.66 -0.58
C TYR A 286 -4.67 32.07 0.71
N ASP A 287 -5.90 32.43 1.05
CA ASP A 287 -6.54 31.95 2.26
C ASP A 287 -6.62 30.43 2.31
N ASN A 288 -6.92 29.82 1.17
CA ASN A 288 -7.04 28.38 1.10
C ASN A 288 -5.66 27.75 1.19
N PHE A 289 -4.63 28.54 0.96
CA PHE A 289 -3.26 28.05 1.02
C PHE A 289 -2.81 27.88 2.47
N ALA B 2 -10.26 -20.71 21.54
CA ALA B 2 -11.70 -20.42 21.37
C ALA B 2 -12.04 -19.04 21.90
N MET B 3 -12.95 -18.33 21.23
CA MET B 3 -13.36 -17.03 21.73
C MET B 3 -14.63 -17.29 22.53
N THR B 4 -14.60 -16.96 23.81
CA THR B 4 -15.74 -17.16 24.70
C THR B 4 -15.86 -15.91 25.57
N GLY B 5 -16.80 -15.92 26.52
CA GLY B 5 -16.98 -14.76 27.38
C GLY B 5 -17.43 -13.52 26.62
N VAL B 6 -16.77 -12.39 26.84
CA VAL B 6 -17.12 -11.18 26.11
C VAL B 6 -16.40 -11.34 24.77
N LEU B 7 -17.12 -11.18 23.67
CA LEU B 7 -16.51 -11.39 22.37
C LEU B 7 -15.94 -10.16 21.69
N ARG B 8 -16.70 -9.08 21.68
CA ARG B 8 -16.26 -7.87 20.99
C ARG B 8 -17.17 -6.67 21.23
N PRO B 9 -16.67 -5.46 20.92
CA PRO B 9 -17.46 -4.25 21.09
C PRO B 9 -18.68 -4.49 20.23
N GLY B 10 -19.87 -4.25 20.79
CA GLY B 10 -21.09 -4.46 20.01
C GLY B 10 -21.75 -3.18 19.50
N HIS B 11 -21.79 -2.14 20.34
CA HIS B 11 -22.37 -0.87 19.93
C HIS B 11 -22.03 0.28 20.87
N ALA B 12 -22.10 1.48 20.33
CA ALA B 12 -21.88 2.69 21.10
C ALA B 12 -23.05 3.62 20.81
N GLN B 13 -23.68 4.14 21.84
CA GLN B 13 -24.75 5.09 21.60
C GLN B 13 -24.17 6.43 22.00
N VAL B 14 -24.07 7.32 21.03
CA VAL B 14 -23.52 8.65 21.20
C VAL B 14 -24.57 9.73 21.01
N ARG B 15 -24.39 10.84 21.73
CA ARG B 15 -25.30 11.97 21.63
C ARG B 15 -24.79 12.99 20.61
N VAL B 16 -25.69 13.49 19.78
CA VAL B 16 -25.38 14.52 18.77
C VAL B 16 -26.35 15.69 19.03
N LEU B 17 -25.89 16.92 18.83
CA LEU B 17 -26.70 18.11 19.06
C LEU B 17 -27.68 18.36 17.92
N ASN B 18 -27.41 17.72 16.78
CA ASN B 18 -28.24 17.88 15.60
C ASN B 18 -28.36 16.53 14.89
N LEU B 19 -29.48 15.85 15.10
CA LEU B 19 -29.72 14.54 14.50
C LEU B 19 -29.63 14.60 12.98
N GLU B 20 -30.22 15.63 12.38
CA GLU B 20 -30.19 15.76 10.93
C GLU B 20 -28.75 15.72 10.41
N GLU B 21 -27.92 16.63 10.90
CA GLU B 21 -26.52 16.69 10.47
C GLU B 21 -25.77 15.41 10.83
N GLY B 22 -26.16 14.78 11.94
CA GLY B 22 -25.50 13.56 12.37
C GLY B 22 -25.70 12.43 11.38
N ILE B 23 -26.95 12.26 10.94
CA ILE B 23 -27.28 11.23 9.97
C ILE B 23 -26.51 11.50 8.67
N HIS B 24 -26.48 12.77 8.27
CA HIS B 24 -25.78 13.18 7.05
C HIS B 24 -24.30 12.81 7.10
N PHE B 25 -23.63 13.23 8.17
CA PHE B 25 -22.21 12.96 8.31
C PHE B 25 -21.84 11.47 8.39
N TYR B 26 -22.58 10.71 9.18
CA TYR B 26 -22.24 9.31 9.33
C TYR B 26 -22.57 8.47 8.12
N ARG B 27 -23.55 8.91 7.36
CA ARG B 27 -23.95 8.18 6.16
C ARG B 27 -23.09 8.55 4.95
N ASN B 28 -22.66 9.80 4.85
CA ASN B 28 -21.87 10.24 3.70
C ASN B 28 -20.36 10.27 3.90
N VAL B 29 -19.93 10.81 5.03
CA VAL B 29 -18.51 10.93 5.32
C VAL B 29 -17.91 9.64 5.87
N LEU B 30 -18.33 9.25 7.07
CA LEU B 30 -17.78 8.03 7.68
C LEU B 30 -18.23 6.85 6.83
N GLY B 31 -19.39 6.98 6.22
CA GLY B 31 -19.86 5.91 5.36
C GLY B 31 -20.36 4.67 6.08
N LEU B 32 -21.11 4.89 7.15
CA LEU B 32 -21.70 3.77 7.89
C LEU B 32 -23.02 3.49 7.19
N VAL B 33 -23.45 2.23 7.26
CA VAL B 33 -24.69 1.78 6.64
C VAL B 33 -25.84 1.98 7.64
N GLU B 34 -26.86 2.73 7.24
CA GLU B 34 -28.00 2.96 8.13
C GLU B 34 -28.88 1.71 8.11
N THR B 35 -29.31 1.23 9.28
CA THR B 35 -30.16 0.04 9.32
C THR B 35 -31.51 0.22 10.00
N GLY B 36 -31.78 1.42 10.53
CA GLY B 36 -33.06 1.63 11.18
C GLY B 36 -33.17 2.86 12.05
N ARG B 37 -34.40 3.24 12.36
CA ARG B 37 -34.70 4.40 13.19
C ARG B 37 -35.85 4.01 14.11
N ASP B 38 -35.69 4.21 15.42
CA ASP B 38 -36.78 3.83 16.33
C ASP B 38 -37.68 4.99 16.66
N ASP B 39 -38.72 4.72 17.46
CA ASP B 39 -39.68 5.75 17.84
C ASP B 39 -39.09 6.87 18.67
N GLN B 40 -37.99 6.59 19.37
CA GLN B 40 -37.36 7.61 20.21
C GLN B 40 -36.62 8.62 19.32
N GLY B 41 -36.43 8.25 18.06
CA GLY B 41 -35.73 9.14 17.15
C GLY B 41 -34.26 8.81 17.01
N ARG B 42 -33.84 7.66 17.53
CA ARG B 42 -32.43 7.27 17.41
C ARG B 42 -32.25 6.61 16.04
N VAL B 43 -31.10 6.82 15.43
CA VAL B 43 -30.81 6.23 14.12
C VAL B 43 -29.72 5.17 14.28
N TYR B 44 -29.92 4.01 13.68
CA TYR B 44 -28.98 2.91 13.80
C TYR B 44 -28.08 2.73 12.57
N PHE B 45 -26.80 2.51 12.83
CA PHE B 45 -25.82 2.28 11.77
C PHE B 45 -24.98 1.04 12.07
N LYS B 46 -24.32 0.52 11.03
CA LYS B 46 -23.41 -0.62 11.15
C LYS B 46 -22.34 -0.45 10.08
N CYS B 47 -21.14 -0.98 10.32
CA CYS B 47 -20.09 -0.91 9.31
C CYS B 47 -20.51 -1.92 8.25
N TRP B 48 -20.15 -1.66 6.99
CA TRP B 48 -20.57 -2.56 5.92
C TRP B 48 -20.15 -4.02 6.06
N ASP B 49 -18.93 -4.26 6.54
CA ASP B 49 -18.43 -5.63 6.65
C ASP B 49 -18.90 -6.39 7.89
N GLU B 50 -19.55 -5.70 8.83
CA GLU B 50 -20.06 -6.36 10.03
C GLU B 50 -21.31 -7.17 9.66
N ARG B 51 -21.74 -8.06 10.53
CA ARG B 51 -22.90 -8.85 10.21
C ARG B 51 -24.13 -8.50 11.04
N ASP B 52 -23.91 -7.98 12.24
CA ASP B 52 -25.00 -7.61 13.13
C ASP B 52 -25.68 -6.30 12.73
N HIS B 53 -26.93 -6.17 13.14
CA HIS B 53 -27.76 -5.03 12.81
C HIS B 53 -27.24 -3.62 13.10
N SER B 54 -26.52 -3.45 14.21
CA SER B 54 -26.02 -2.14 14.55
C SER B 54 -24.79 -2.18 15.43
N CYS B 55 -23.99 -1.11 15.35
CA CYS B 55 -22.81 -1.01 16.18
C CYS B 55 -22.63 0.42 16.62
N TYR B 56 -23.33 1.32 15.94
CA TYR B 56 -23.23 2.74 16.24
C TYR B 56 -24.61 3.38 16.16
N ILE B 57 -25.08 3.91 17.29
CA ILE B 57 -26.37 4.57 17.37
C ILE B 57 -26.17 5.99 17.85
N ILE B 58 -26.88 6.91 17.21
CA ILE B 58 -26.82 8.33 17.50
C ILE B 58 -28.21 8.80 18.00
N ARG B 59 -28.24 9.63 19.05
CA ARG B 59 -29.49 10.14 19.67
C ARG B 59 -29.39 11.67 19.92
N GLU B 60 -30.30 12.46 19.36
CA GLU B 60 -30.24 13.91 19.56
C GLU B 60 -30.40 14.29 21.02
N ALA B 61 -29.57 15.20 21.49
CA ALA B 61 -29.61 15.62 22.88
C ALA B 61 -29.02 17.02 23.00
N ASP B 62 -29.11 17.60 24.19
CA ASP B 62 -28.58 18.94 24.42
C ASP B 62 -27.09 18.91 24.65
N THR B 63 -26.53 17.72 24.86
CA THR B 63 -25.09 17.59 25.10
C THR B 63 -24.51 16.42 24.30
N ALA B 64 -23.27 16.58 23.84
CA ALA B 64 -22.63 15.49 23.09
C ALA B 64 -22.08 14.48 24.09
N GLY B 65 -21.46 13.42 23.57
CA GLY B 65 -20.90 12.43 24.47
C GLY B 65 -21.44 11.04 24.23
N ILE B 66 -21.09 10.12 25.12
CA ILE B 66 -21.52 8.75 24.98
C ILE B 66 -22.53 8.36 26.05
N ASP B 67 -23.65 7.81 25.60
CA ASP B 67 -24.68 7.36 26.51
C ASP B 67 -24.18 6.07 27.13
N PHE B 68 -23.87 5.07 26.30
CA PHE B 68 -23.36 3.81 26.81
C PHE B 68 -22.55 3.05 25.75
N PHE B 69 -21.82 2.02 26.18
CA PHE B 69 -21.01 1.21 25.27
C PHE B 69 -21.29 -0.26 25.56
N GLY B 70 -21.74 -0.99 24.55
CA GLY B 70 -22.08 -2.40 24.71
C GLY B 70 -21.18 -3.41 24.01
N PHE B 71 -20.97 -4.54 24.66
CA PHE B 71 -20.15 -5.65 24.16
C PHE B 71 -21.07 -6.84 23.94
N LYS B 72 -20.82 -7.61 22.88
CA LYS B 72 -21.62 -8.80 22.64
C LYS B 72 -20.93 -9.98 23.30
N VAL B 73 -21.71 -10.91 23.85
CA VAL B 73 -21.15 -12.10 24.51
C VAL B 73 -21.48 -13.37 23.73
N LEU B 74 -20.80 -14.46 24.05
CA LEU B 74 -21.01 -15.73 23.32
C LEU B 74 -22.47 -16.22 23.25
N ASP B 75 -23.14 -16.30 24.39
CA ASP B 75 -24.52 -16.78 24.45
C ASP B 75 -25.29 -16.30 25.69
N LYS B 76 -26.56 -16.69 25.78
CA LYS B 76 -27.43 -16.30 26.89
C LYS B 76 -26.89 -16.83 28.20
N ALA B 77 -26.37 -18.04 28.18
CA ALA B 77 -25.83 -18.62 29.40
C ALA B 77 -24.64 -17.80 29.92
N THR B 78 -23.86 -17.24 28.99
CA THR B 78 -22.69 -16.45 29.35
C THR B 78 -23.15 -15.11 29.93
N LEU B 79 -24.14 -14.53 29.28
CA LEU B 79 -24.71 -13.28 29.70
C LEU B 79 -25.27 -13.41 31.13
N GLU B 80 -26.00 -14.49 31.39
CA GLU B 80 -26.55 -14.67 32.72
C GLU B 80 -25.42 -14.81 33.75
N LYS B 81 -24.39 -15.57 33.40
CA LYS B 81 -23.23 -15.81 34.26
C LYS B 81 -22.47 -14.52 34.62
N LEU B 82 -22.25 -13.68 33.61
CA LEU B 82 -21.54 -12.41 33.79
C LEU B 82 -22.32 -11.46 34.70
N ASP B 83 -23.63 -11.43 34.52
CA ASP B 83 -24.50 -10.60 35.36
C ASP B 83 -24.31 -10.97 36.84
N ALA B 84 -24.27 -12.27 37.11
CA ALA B 84 -24.10 -12.74 38.48
C ALA B 84 -22.68 -12.43 38.99
N ASP B 85 -21.69 -12.50 38.11
CA ASP B 85 -20.31 -12.18 38.53
C ASP B 85 -20.17 -10.70 38.82
N LEU B 86 -20.90 -9.88 38.06
CA LEU B 86 -20.85 -8.43 38.25
C LEU B 86 -21.44 -8.09 39.60
N GLN B 87 -22.56 -8.73 39.94
CA GLN B 87 -23.22 -8.49 41.21
C GLN B 87 -22.42 -9.10 42.36
N ALA B 88 -21.90 -10.30 42.16
CA ALA B 88 -21.10 -10.95 43.19
C ALA B 88 -19.88 -10.07 43.45
N TYR B 89 -19.41 -9.38 42.41
CA TYR B 89 -18.26 -8.50 42.52
C TYR B 89 -18.57 -7.23 43.34
N GLY B 90 -19.84 -6.84 43.36
CA GLY B 90 -20.24 -5.66 44.11
C GLY B 90 -20.88 -4.59 43.25
N LEU B 91 -21.09 -4.89 41.98
CA LEU B 91 -21.69 -3.94 41.06
C LEU B 91 -23.20 -4.11 40.92
N THR B 92 -23.90 -2.99 40.83
CA THR B 92 -25.34 -3.02 40.67
C THR B 92 -25.61 -3.20 39.18
N THR B 93 -26.48 -4.14 38.85
CA THR B 93 -26.82 -4.44 37.47
C THR B 93 -28.27 -4.10 37.16
N THR B 94 -28.50 -3.53 35.98
CA THR B 94 -29.82 -3.15 35.50
C THR B 94 -30.09 -3.98 34.25
N ARG B 95 -31.33 -4.43 34.08
CA ARG B 95 -31.68 -5.25 32.93
C ARG B 95 -32.51 -4.46 31.92
N ILE B 96 -32.00 -4.35 30.69
CA ILE B 96 -32.71 -3.63 29.64
C ILE B 96 -33.47 -4.66 28.83
N PRO B 97 -34.79 -4.49 28.69
CA PRO B 97 -35.63 -5.44 27.95
C PRO B 97 -35.29 -5.58 26.47
N ALA B 98 -35.52 -6.77 25.94
CA ALA B 98 -35.26 -7.01 24.53
C ALA B 98 -36.24 -6.12 23.78
N GLY B 99 -35.81 -5.57 22.65
CA GLY B 99 -36.70 -4.70 21.88
C GLY B 99 -36.52 -3.24 22.21
N GLU B 100 -36.03 -2.93 23.41
CA GLU B 100 -35.84 -1.52 23.77
C GLU B 100 -34.96 -0.87 22.70
N MET B 101 -34.03 -1.64 22.13
CA MET B 101 -33.17 -1.17 21.05
C MET B 101 -33.57 -2.05 19.88
N LEU B 102 -33.81 -1.46 18.72
CA LEU B 102 -34.20 -2.24 17.53
C LEU B 102 -33.32 -3.45 17.25
N GLU B 103 -33.98 -4.58 16.96
CA GLU B 103 -33.27 -5.81 16.62
C GLU B 103 -32.23 -6.23 17.65
N THR B 104 -32.45 -5.88 18.92
CA THR B 104 -31.49 -6.21 19.97
C THR B 104 -32.16 -6.88 21.17
N GLY B 105 -31.58 -7.97 21.66
CA GLY B 105 -32.14 -8.66 22.80
C GLY B 105 -31.94 -7.88 24.09
N GLU B 106 -32.24 -8.49 25.24
CA GLU B 106 -32.06 -7.76 26.48
C GLU B 106 -30.58 -7.57 26.79
N ARG B 107 -30.28 -6.53 27.56
CA ARG B 107 -28.90 -6.23 27.90
C ARG B 107 -28.66 -6.04 29.39
N VAL B 108 -27.45 -6.37 29.83
CA VAL B 108 -27.09 -6.18 31.21
C VAL B 108 -26.28 -4.89 31.27
N ARG B 109 -26.82 -3.87 31.92
CA ARG B 109 -26.13 -2.59 32.02
C ARG B 109 -25.63 -2.36 33.43
N PHE B 110 -24.46 -1.74 33.53
CA PHE B 110 -23.87 -1.41 34.82
C PHE B 110 -22.99 -0.18 34.64
N GLU B 111 -22.71 0.51 35.74
CA GLU B 111 -21.90 1.71 35.73
C GLU B 111 -20.52 1.45 36.33
N LEU B 112 -19.48 1.90 35.62
CA LEU B 112 -18.10 1.74 36.09
C LEU B 112 -17.70 2.82 37.10
N PRO B 113 -16.66 2.55 37.91
CA PRO B 113 -16.22 3.55 38.89
C PRO B 113 -15.81 4.82 38.15
N SER B 114 -15.51 4.68 36.85
CA SER B 114 -15.09 5.81 36.03
C SER B 114 -16.28 6.66 35.56
N GLY B 115 -17.50 6.19 35.85
CA GLY B 115 -18.68 6.93 35.46
C GLY B 115 -19.38 6.45 34.20
N HIS B 116 -18.70 5.66 33.38
CA HIS B 116 -19.31 5.19 32.13
C HIS B 116 -20.24 4.00 32.27
N LEU B 117 -21.26 3.97 31.42
CA LEU B 117 -22.22 2.87 31.42
C LEU B 117 -21.80 1.80 30.42
N ILE B 118 -21.73 0.56 30.88
CA ILE B 118 -21.34 -0.54 30.00
C ILE B 118 -22.49 -1.54 29.89
N GLU B 119 -22.61 -2.14 28.72
CA GLU B 119 -23.67 -3.11 28.46
C GLU B 119 -23.12 -4.40 27.90
N LEU B 120 -23.85 -5.48 28.17
CA LEU B 120 -23.54 -6.81 27.66
C LEU B 120 -24.82 -7.39 27.07
N TYR B 121 -24.72 -8.05 25.92
CA TYR B 121 -25.88 -8.69 25.31
C TYR B 121 -25.40 -9.90 24.53
N ALA B 122 -26.31 -10.82 24.24
CA ALA B 122 -25.91 -12.00 23.50
C ALA B 122 -26.71 -12.13 22.22
N GLU B 123 -27.76 -11.33 22.08
CA GLU B 123 -28.63 -11.42 20.90
C GLU B 123 -28.81 -10.09 20.16
N LYS B 124 -28.61 -10.16 18.85
CA LYS B 124 -28.78 -9.00 17.99
C LYS B 124 -28.85 -9.59 16.60
N THR B 125 -29.97 -9.32 15.92
CA THR B 125 -30.22 -9.83 14.60
C THR B 125 -29.06 -9.70 13.63
N CYS B 126 -28.77 -10.79 12.94
CA CYS B 126 -27.72 -10.82 11.95
C CYS B 126 -28.32 -10.36 10.64
N VAL B 127 -27.85 -9.25 10.08
CA VAL B 127 -28.41 -8.82 8.82
C VAL B 127 -27.44 -9.08 7.65
N GLY B 128 -26.21 -9.49 7.97
CA GLY B 128 -25.23 -9.77 6.93
C GLY B 128 -24.32 -8.61 6.57
N ASN B 129 -23.47 -8.79 5.56
CA ASN B 129 -22.56 -7.71 5.13
C ASN B 129 -22.78 -7.27 3.69
N GLY B 130 -24.01 -7.39 3.20
CA GLY B 130 -24.30 -6.98 1.84
C GLY B 130 -23.81 -7.95 0.77
N ILE B 131 -22.96 -8.90 1.16
CA ILE B 131 -22.40 -9.89 0.24
C ILE B 131 -23.06 -11.25 0.43
N SER B 132 -23.22 -12.00 -0.65
CA SER B 132 -23.85 -13.31 -0.57
C SER B 132 -23.07 -14.26 0.34
N GLU B 133 -23.77 -15.24 0.88
CA GLU B 133 -23.16 -16.23 1.77
C GLU B 133 -22.50 -17.34 0.96
N VAL B 134 -22.83 -17.40 -0.32
CA VAL B 134 -22.29 -18.43 -1.21
C VAL B 134 -21.43 -17.77 -2.29
N ASN B 135 -20.22 -18.27 -2.45
CA ASN B 135 -19.29 -17.70 -3.42
C ASN B 135 -19.21 -16.20 -3.21
N PRO B 136 -19.00 -15.76 -1.96
CA PRO B 136 -18.92 -14.33 -1.63
C PRO B 136 -17.73 -13.60 -2.23
N ALA B 137 -17.97 -12.36 -2.67
CA ALA B 137 -16.92 -11.52 -3.23
C ALA B 137 -16.21 -10.87 -2.04
N PRO B 138 -14.96 -10.42 -2.23
CA PRO B 138 -14.19 -9.78 -1.15
C PRO B 138 -14.79 -8.47 -0.66
N TRP B 139 -15.48 -7.76 -1.56
CA TRP B 139 -16.12 -6.49 -1.22
C TRP B 139 -17.06 -6.10 -2.36
N ASN B 140 -17.82 -5.03 -2.14
CA ASN B 140 -18.76 -4.51 -3.15
C ASN B 140 -18.71 -2.99 -3.06
N ALA B 141 -19.61 -2.32 -3.78
CA ALA B 141 -19.66 -0.85 -3.81
C ALA B 141 -19.76 -0.15 -2.44
N GLN B 142 -20.32 -0.83 -1.45
CA GLN B 142 -20.43 -0.21 -0.14
C GLN B 142 -19.05 0.17 0.42
N ARG B 143 -18.04 -0.63 0.08
CA ARG B 143 -16.66 -0.41 0.52
C ARG B 143 -16.11 0.94 0.08
N GLU B 144 -16.70 1.52 -0.94
CA GLU B 144 -16.20 2.81 -1.43
C GLU B 144 -17.17 3.95 -1.18
N HIS B 145 -18.21 3.72 -0.38
CA HIS B 145 -19.16 4.79 -0.08
C HIS B 145 -18.63 5.49 1.16
N GLY B 146 -18.05 6.68 0.99
CA GLY B 146 -17.49 7.39 2.12
C GLY B 146 -16.27 6.64 2.61
N ILE B 147 -15.81 6.92 3.83
CA ILE B 147 -14.65 6.22 4.39
C ILE B 147 -14.90 4.70 4.41
N ALA B 148 -16.11 4.32 4.83
CA ALA B 148 -16.55 2.93 4.87
C ALA B 148 -15.75 1.98 5.74
N PRO B 149 -15.61 2.31 7.04
CA PRO B 149 -14.85 1.44 7.94
C PRO B 149 -15.45 0.04 7.97
N ILE B 150 -14.63 -0.91 8.41
CA ILE B 150 -15.02 -2.32 8.45
C ILE B 150 -15.69 -2.78 9.74
N GLN B 151 -15.33 -2.16 10.87
CA GLN B 151 -15.94 -2.54 12.15
C GLN B 151 -15.68 -1.49 13.20
N LEU B 152 -16.51 -1.50 14.24
CA LEU B 152 -16.34 -0.62 15.38
C LEU B 152 -15.25 -1.41 16.10
N ASP B 153 -14.08 -0.80 16.25
CA ASP B 153 -12.93 -1.46 16.86
C ASP B 153 -12.82 -1.31 18.36
N HIS B 154 -13.15 -0.12 18.84
CA HIS B 154 -13.07 0.17 20.27
C HIS B 154 -13.49 1.61 20.55
N CYS B 155 -13.16 2.04 21.75
CA CYS B 155 -13.42 3.39 22.22
C CYS B 155 -12.42 3.67 23.33
N LEU B 156 -12.17 4.95 23.56
CA LEU B 156 -11.25 5.36 24.59
C LEU B 156 -12.14 6.19 25.51
N LEU B 157 -12.22 5.81 26.78
CA LEU B 157 -13.05 6.48 27.76
C LEU B 157 -12.19 7.20 28.81
N TYR B 158 -12.61 8.40 29.22
CA TYR B 158 -11.88 9.16 30.25
C TYR B 158 -12.67 9.12 31.55
N GLY B 159 -12.07 8.54 32.59
CA GLY B 159 -12.74 8.42 33.88
C GLY B 159 -11.76 8.48 35.05
N PRO B 160 -12.25 8.78 36.26
CA PRO B 160 -11.45 8.89 37.49
C PRO B 160 -10.84 7.66 38.17
N ASN B 161 -11.58 6.55 38.26
CA ASN B 161 -11.01 5.40 38.96
C ASN B 161 -10.63 4.27 38.01
N ILE B 162 -9.66 4.54 37.15
CA ILE B 162 -9.20 3.56 36.17
C ILE B 162 -8.59 2.31 36.80
N ALA B 163 -8.06 2.46 38.01
CA ALA B 163 -7.47 1.32 38.68
C ALA B 163 -8.53 0.27 38.99
N GLU B 164 -9.66 0.71 39.52
CA GLU B 164 -10.76 -0.18 39.87
C GLU B 164 -11.45 -0.67 38.60
N VAL B 165 -11.47 0.19 37.58
CA VAL B 165 -12.07 -0.16 36.31
C VAL B 165 -11.30 -1.35 35.74
N GLN B 166 -9.98 -1.29 35.86
CA GLN B 166 -9.13 -2.35 35.34
C GLN B 166 -9.48 -3.67 36.03
N LYS B 167 -9.69 -3.61 37.34
CA LYS B 167 -10.04 -4.78 38.13
C LYS B 167 -11.27 -5.46 37.54
N ILE B 168 -12.33 -4.68 37.38
CA ILE B 168 -13.59 -5.19 36.83
C ILE B 168 -13.41 -5.85 35.45
N PHE B 169 -12.71 -5.18 34.53
CA PHE B 169 -12.53 -5.76 33.21
C PHE B 169 -11.66 -7.02 33.18
N THR B 170 -10.63 -7.08 34.02
CA THR B 170 -9.75 -8.22 34.02
C THR B 170 -10.23 -9.36 34.93
N GLU B 171 -10.77 -9.00 36.10
CA GLU B 171 -11.23 -9.99 37.07
C GLU B 171 -12.65 -10.48 36.87
N VAL B 172 -13.48 -9.72 36.16
CA VAL B 172 -14.85 -10.15 35.94
C VAL B 172 -15.21 -10.44 34.48
N LEU B 173 -14.79 -9.55 33.58
CA LEU B 173 -15.11 -9.67 32.16
C LEU B 173 -14.14 -10.45 31.29
N GLY B 174 -13.05 -10.93 31.87
CA GLY B 174 -12.09 -11.69 31.09
C GLY B 174 -11.24 -10.92 30.09
N PHE B 175 -10.93 -9.66 30.38
CA PHE B 175 -10.07 -8.87 29.49
C PHE B 175 -8.68 -8.97 30.11
N TYR B 176 -7.69 -8.40 29.45
CA TYR B 176 -6.33 -8.41 29.99
C TYR B 176 -5.59 -7.17 29.50
N LEU B 177 -4.54 -6.79 30.23
CA LEU B 177 -3.75 -5.62 29.88
C LEU B 177 -2.80 -5.89 28.73
N VAL B 178 -2.88 -5.07 27.70
CA VAL B 178 -1.99 -5.21 26.56
C VAL B 178 -0.92 -4.14 26.69
N GLU B 179 -1.34 -2.92 27.00
CA GLU B 179 -0.43 -1.81 27.18
C GLU B 179 -0.91 -0.83 28.24
N ARG B 180 0.04 -0.08 28.81
CA ARG B 180 -0.29 0.91 29.81
C ARG B 180 0.67 2.09 29.70
N VAL B 181 0.28 3.20 30.32
CA VAL B 181 1.09 4.41 30.33
C VAL B 181 1.29 4.72 31.79
N LEU B 182 2.53 4.69 32.26
CA LEU B 182 2.85 4.95 33.66
C LEU B 182 2.54 6.39 34.06
N SER B 183 2.46 6.62 35.36
CA SER B 183 2.20 7.96 35.86
C SER B 183 3.55 8.51 36.33
N PRO B 184 3.73 9.85 36.31
CA PRO B 184 4.97 10.51 36.72
C PRO B 184 5.67 9.78 37.87
N ASP B 185 6.44 8.75 37.52
CA ASP B 185 7.16 7.90 38.47
C ASP B 185 6.49 7.74 39.84
N GLY B 186 5.18 7.94 39.79
CA GLY B 186 4.23 7.85 40.83
C GLY B 186 3.42 6.63 40.40
N ASP B 187 4.09 5.92 39.57
CA ASP B 187 3.69 4.66 39.05
C ASP B 187 2.45 3.99 39.48
N SER B 188 1.44 4.45 38.78
CA SER B 188 0.08 4.03 38.81
C SER B 188 -0.18 4.14 37.34
N ASP B 189 -1.14 3.41 36.80
CA ASP B 189 -1.38 3.53 35.37
C ASP B 189 -2.28 4.73 35.07
N MET B 190 -1.78 5.65 34.26
CA MET B 190 -2.55 6.83 33.88
C MET B 190 -3.47 6.51 32.69
N GLY B 191 -3.10 5.48 31.91
CA GLY B 191 -3.88 5.06 30.76
C GLY B 191 -3.67 3.57 30.49
N ILE B 192 -4.75 2.81 30.33
CA ILE B 192 -4.68 1.36 30.07
C ILE B 192 -5.41 0.93 28.79
N TRP B 193 -4.89 -0.09 28.12
CA TRP B 193 -5.49 -0.63 26.89
C TRP B 193 -5.82 -2.11 27.12
N LEU B 194 -7.10 -2.43 27.11
CA LEU B 194 -7.57 -3.78 27.37
C LEU B 194 -8.14 -4.54 26.18
N SER B 195 -7.86 -5.85 26.11
CA SER B 195 -8.36 -6.74 25.04
C SER B 195 -9.10 -7.94 25.61
N CYS B 196 -10.20 -8.32 24.96
CA CYS B 196 -10.97 -9.49 25.39
C CYS B 196 -10.85 -10.48 24.25
N SER B 197 -9.74 -10.41 23.51
CA SER B 197 -9.54 -11.24 22.33
C SER B 197 -8.06 -11.26 21.97
N HIS B 198 -7.75 -11.28 20.66
CA HIS B 198 -6.35 -11.16 20.31
C HIS B 198 -6.09 -9.83 19.59
N LYS B 199 -7.00 -8.87 19.79
CA LYS B 199 -6.86 -7.52 19.21
C LYS B 199 -5.97 -6.71 20.16
N VAL B 200 -5.29 -5.68 19.64
CA VAL B 200 -4.42 -4.83 20.48
C VAL B 200 -5.26 -4.26 21.62
N HIS B 201 -6.52 -3.93 21.33
CA HIS B 201 -7.43 -3.49 22.38
C HIS B 201 -8.86 -3.42 21.89
N ASP B 202 -9.79 -3.70 22.80
CA ASP B 202 -11.20 -3.67 22.49
C ASP B 202 -11.81 -2.45 23.19
N ILE B 203 -11.03 -1.87 24.11
CA ILE B 203 -11.44 -0.68 24.85
C ILE B 203 -10.25 -0.16 25.64
N ALA B 204 -10.28 1.11 25.98
CA ALA B 204 -9.16 1.68 26.72
C ALA B 204 -9.65 2.83 27.60
N PHE B 205 -8.95 3.03 28.71
CA PHE B 205 -9.28 4.10 29.65
C PHE B 205 -8.10 4.97 29.99
N VAL B 206 -8.37 6.25 30.20
CA VAL B 206 -7.32 7.17 30.61
C VAL B 206 -7.84 7.86 31.87
N GLU B 207 -6.97 8.01 32.86
CA GLU B 207 -7.33 8.64 34.12
C GLU B 207 -7.71 10.09 33.89
N TYR B 208 -8.85 10.50 34.43
CA TYR B 208 -9.37 11.86 34.24
C TYR B 208 -10.36 12.19 35.37
N PRO B 209 -10.26 13.41 35.94
CA PRO B 209 -11.14 13.88 37.04
C PRO B 209 -12.63 13.85 36.77
N GLU B 210 -13.05 14.22 35.56
CA GLU B 210 -14.46 14.21 35.24
C GLU B 210 -14.88 12.84 34.73
N LYS B 211 -15.89 12.26 35.35
CA LYS B 211 -16.34 10.95 34.93
C LYS B 211 -17.28 10.98 33.73
N GLY B 212 -17.35 9.84 33.04
CA GLY B 212 -18.22 9.68 31.89
C GLY B 212 -17.78 10.27 30.56
N LYS B 213 -16.58 10.83 30.53
CA LYS B 213 -16.10 11.46 29.32
C LYS B 213 -15.72 10.50 28.19
N LEU B 214 -16.10 10.88 26.98
CA LEU B 214 -15.78 10.07 25.82
C LEU B 214 -14.64 10.71 25.04
N HIS B 215 -13.57 9.95 24.82
CA HIS B 215 -12.47 10.52 24.05
C HIS B 215 -12.81 10.30 22.58
N HIS B 216 -13.18 9.07 22.22
CA HIS B 216 -13.57 8.77 20.85
C HIS B 216 -14.00 7.32 20.65
N CYS B 217 -14.79 7.09 19.62
CA CYS B 217 -15.18 5.74 19.25
C CYS B 217 -14.26 5.50 18.06
N SER B 218 -13.83 4.26 17.85
CA SER B 218 -12.89 3.99 16.78
C SER B 218 -13.39 2.95 15.78
N PHE B 219 -13.10 3.21 14.51
CA PHE B 219 -13.51 2.34 13.42
C PHE B 219 -12.29 1.81 12.66
N LEU B 220 -12.29 0.52 12.34
CA LEU B 220 -11.17 -0.08 11.64
C LEU B 220 -11.15 0.10 10.12
N LEU B 221 -9.99 0.42 9.55
CA LEU B 221 -9.86 0.55 8.08
C LEU B 221 -8.97 -0.59 7.59
N GLU B 222 -9.00 -0.85 6.28
CA GLU B 222 -8.23 -1.94 5.66
C GLU B 222 -6.71 -1.80 5.66
N SER B 223 -6.23 -0.64 5.24
CA SER B 223 -4.79 -0.44 5.14
C SER B 223 -4.39 1.01 5.27
N TRP B 224 -3.07 1.22 5.32
CA TRP B 224 -2.50 2.55 5.43
C TRP B 224 -3.00 3.46 4.30
N GLU B 225 -3.22 2.90 3.11
CA GLU B 225 -3.71 3.74 2.01
C GLU B 225 -5.16 4.11 2.27
N GLN B 226 -5.88 3.25 2.96
CA GLN B 226 -7.27 3.56 3.27
C GLN B 226 -7.26 4.73 4.24
N VAL B 227 -6.27 4.79 5.12
CA VAL B 227 -6.18 5.90 6.07
C VAL B 227 -6.03 7.22 5.30
N LEU B 228 -5.19 7.21 4.27
CA LEU B 228 -4.97 8.40 3.43
C LEU B 228 -6.26 8.81 2.74
N ARG B 229 -6.96 7.83 2.17
CA ARG B 229 -8.22 8.12 1.48
C ARG B 229 -9.20 8.75 2.47
N ALA B 230 -9.23 8.20 3.69
CA ALA B 230 -10.11 8.73 4.72
C ALA B 230 -9.75 10.19 4.98
N GLY B 231 -8.44 10.48 5.00
CA GLY B 231 -8.01 11.85 5.21
C GLY B 231 -8.45 12.78 4.08
N ASP B 232 -8.43 12.27 2.84
CA ASP B 232 -8.84 13.05 1.66
C ASP B 232 -10.34 13.38 1.71
N ILE B 233 -11.13 12.36 2.05
CA ILE B 233 -12.57 12.48 2.14
C ILE B 233 -12.96 13.44 3.24
N MET B 234 -12.20 13.44 4.33
CA MET B 234 -12.49 14.35 5.42
C MET B 234 -12.33 15.78 4.92
N SER B 235 -11.25 16.03 4.19
CA SER B 235 -10.96 17.34 3.65
C SER B 235 -12.03 17.80 2.65
N MET B 236 -12.46 16.90 1.77
CA MET B 236 -13.51 17.25 0.79
C MET B 236 -14.79 17.64 1.51
N ASN B 237 -14.95 17.14 2.72
CA ASN B 237 -16.17 17.43 3.46
C ASN B 237 -16.01 18.43 4.60
N GLU B 238 -14.92 19.18 4.58
CA GLU B 238 -14.67 20.20 5.60
C GLU B 238 -14.73 19.63 7.02
N VAL B 239 -14.31 18.38 7.17
CA VAL B 239 -14.31 17.72 8.47
C VAL B 239 -13.14 18.21 9.31
N ASN B 240 -13.43 18.63 10.54
CA ASN B 240 -12.37 19.09 11.42
C ASN B 240 -11.56 17.89 11.90
N VAL B 241 -10.27 17.92 11.59
CA VAL B 241 -9.36 16.86 11.97
C VAL B 241 -8.53 17.27 13.18
N ASP B 242 -8.49 16.39 14.18
CA ASP B 242 -7.75 16.64 15.42
C ASP B 242 -6.25 16.46 15.11
N ILE B 243 -5.87 15.23 14.80
CA ILE B 243 -4.48 14.94 14.46
C ILE B 243 -4.41 14.17 13.14
N GLY B 244 -3.74 14.78 12.15
CA GLY B 244 -3.58 14.22 10.81
C GLY B 244 -3.17 12.76 10.82
N PRO B 245 -3.10 12.10 9.64
CA PRO B 245 -2.72 10.68 9.57
C PRO B 245 -1.33 10.42 10.11
N THR B 246 -1.24 9.48 11.05
CA THR B 246 0.05 9.15 11.64
C THR B 246 0.00 7.81 12.35
N ARG B 247 1.09 7.49 13.06
CA ARG B 247 1.25 6.25 13.81
C ARG B 247 1.29 6.51 15.33
N HIS B 248 0.56 5.68 16.10
CA HIS B 248 0.53 5.72 17.58
C HIS B 248 1.61 4.74 18.00
N GLY B 249 2.45 5.09 18.97
CA GLY B 249 3.45 4.13 19.40
C GLY B 249 2.77 3.02 20.17
N VAL B 250 1.78 3.40 20.97
CA VAL B 250 1.01 2.46 21.74
C VAL B 250 0.07 1.84 20.70
N THR B 251 -0.06 0.52 20.69
CA THR B 251 -0.95 -0.13 19.73
C THR B 251 -0.33 -0.16 18.33
N ARG B 252 0.66 0.69 18.07
CA ARG B 252 1.28 0.67 16.74
C ARG B 252 0.30 0.97 15.62
N GLY B 253 -0.93 1.31 15.97
CA GLY B 253 -1.92 1.58 14.92
C GLY B 253 -1.77 2.94 14.28
N CYS B 254 -1.98 3.00 12.96
CA CYS B 254 -1.89 4.24 12.19
C CYS B 254 -3.27 4.80 12.08
N THR B 255 -3.47 5.99 12.63
CA THR B 255 -4.79 6.58 12.66
C THR B 255 -4.91 8.05 12.34
N ILE B 256 -6.16 8.49 12.41
CA ILE B 256 -6.56 9.88 12.20
C ILE B 256 -7.66 10.18 13.20
N TYR B 257 -7.51 11.26 13.97
CA TYR B 257 -8.53 11.70 14.92
C TYR B 257 -9.26 12.84 14.24
N ALA B 258 -10.59 12.79 14.27
CA ALA B 258 -11.41 13.83 13.67
C ALA B 258 -12.67 14.01 14.49
N TRP B 259 -13.36 15.11 14.26
CA TRP B 259 -14.58 15.39 14.99
C TRP B 259 -15.82 15.40 14.14
N ASP B 260 -16.89 14.86 14.70
CA ASP B 260 -18.13 14.87 13.99
C ASP B 260 -18.75 16.24 14.22
N PRO B 261 -19.78 16.60 13.45
CA PRO B 261 -20.45 17.90 13.55
C PRO B 261 -20.79 18.30 14.99
N SER B 262 -21.27 17.36 15.78
CA SER B 262 -21.65 17.67 17.15
C SER B 262 -20.46 17.82 18.08
N GLY B 263 -19.28 17.45 17.61
CA GLY B 263 -18.10 17.55 18.45
C GLY B 263 -17.61 16.23 19.00
N ASN B 264 -18.25 15.13 18.61
CA ASN B 264 -17.78 13.83 19.08
C ASN B 264 -16.53 13.47 18.27
N ARG B 265 -15.48 13.03 18.94
CA ARG B 265 -14.27 12.63 18.26
C ARG B 265 -14.38 11.16 17.87
N PHE B 266 -13.94 10.83 16.66
CA PHE B 266 -13.94 9.42 16.25
C PHE B 266 -12.57 9.16 15.64
N GLU B 267 -12.22 7.89 15.49
CA GLU B 267 -10.95 7.48 14.94
C GLU B 267 -11.10 6.48 13.80
N THR B 268 -10.24 6.62 12.79
CA THR B 268 -10.23 5.68 11.66
C THR B 268 -8.79 5.20 11.62
N PHE B 269 -8.56 3.95 11.98
CA PHE B 269 -7.19 3.41 11.96
C PHE B 269 -7.13 1.98 11.46
N MET B 270 -5.90 1.48 11.38
CA MET B 270 -5.63 0.12 10.97
C MET B 270 -4.27 -0.31 11.53
N GLY B 271 -4.02 -1.61 11.53
CA GLY B 271 -2.75 -2.09 12.02
C GLY B 271 -2.82 -2.54 13.47
N GLY B 272 -1.64 -2.80 14.04
CA GLY B 272 -1.56 -3.24 15.42
C GLY B 272 -1.07 -4.67 15.46
N TYR B 273 -0.37 -5.05 16.52
CA TYR B 273 0.11 -6.42 16.60
C TYR B 273 -0.98 -7.38 17.05
N HIS B 274 -0.61 -8.60 17.41
CA HIS B 274 -1.61 -9.61 17.79
C HIS B 274 -1.33 -10.23 19.14
N PRO B 275 -1.72 -9.53 20.21
CA PRO B 275 -1.49 -10.06 21.55
C PRO B 275 -2.46 -11.17 21.90
N TYR B 276 -2.08 -11.99 22.88
CA TYR B 276 -2.93 -13.08 23.34
C TYR B 276 -2.88 -13.04 24.86
N PRO B 277 -3.88 -13.63 25.54
CA PRO B 277 -4.04 -13.70 26.99
C PRO B 277 -2.76 -14.02 27.76
N ASP B 278 -1.93 -14.90 27.21
CA ASP B 278 -0.68 -15.30 27.86
C ASP B 278 0.46 -14.29 27.70
N TYR B 279 0.20 -13.16 27.05
CA TYR B 279 1.24 -12.16 26.85
C TYR B 279 1.32 -11.17 28.01
N GLU B 280 2.51 -10.65 28.23
CA GLU B 280 2.74 -9.66 29.28
C GLU B 280 2.51 -8.31 28.61
N PRO B 281 2.00 -7.32 29.35
CA PRO B 281 1.76 -6.00 28.76
C PRO B 281 3.02 -5.18 28.48
N LEU B 282 2.91 -4.28 27.52
CA LEU B 282 4.00 -3.38 27.17
C LEU B 282 3.73 -2.12 27.97
N SER B 283 4.76 -1.35 28.27
CA SER B 283 4.59 -0.15 29.08
C SER B 283 5.19 1.08 28.41
N TRP B 284 4.65 2.24 28.79
CA TRP B 284 5.13 3.51 28.28
C TRP B 284 5.38 4.49 29.42
N THR B 285 6.55 5.11 29.43
CA THR B 285 6.85 6.08 30.48
C THR B 285 5.99 7.31 30.22
N TYR B 286 5.51 7.92 31.30
CA TYR B 286 4.68 9.11 31.21
C TYR B 286 5.32 10.17 30.31
N ASP B 287 6.61 10.37 30.52
CA ASP B 287 7.38 11.36 29.79
C ASP B 287 7.49 11.05 28.30
N ASN B 288 7.38 9.77 27.95
CA ASN B 288 7.48 9.39 26.55
C ASN B 288 6.11 9.27 25.97
N PHE B 289 5.11 9.83 26.59
CA PHE B 289 3.81 9.61 26.00
C PHE B 289 3.65 10.39 24.68
N ALA C 2 -13.20 -13.20 25.69
CA ALA C 2 -11.80 -13.63 25.98
C ALA C 2 -11.36 -14.78 25.11
N MET C 3 -10.06 -14.98 25.04
CA MET C 3 -9.49 -16.10 24.30
C MET C 3 -9.20 -17.18 25.36
N THR C 4 -9.88 -18.31 25.25
CA THR C 4 -9.68 -19.44 26.17
C THR C 4 -9.45 -20.71 25.37
N GLY C 5 -9.17 -21.82 26.06
CA GLY C 5 -8.93 -23.08 25.37
C GLY C 5 -7.75 -23.06 24.42
N VAL C 6 -7.98 -23.48 23.17
CA VAL C 6 -6.93 -23.49 22.16
C VAL C 6 -6.78 -22.05 21.66
N LEU C 7 -5.62 -21.45 21.89
CA LEU C 7 -5.39 -20.07 21.51
C LEU C 7 -4.93 -19.81 20.09
N ARG C 8 -3.87 -20.50 19.69
CA ARG C 8 -3.29 -20.27 18.37
C ARG C 8 -2.36 -21.40 17.93
N PRO C 9 -1.98 -21.40 16.64
CA PRO C 9 -1.06 -22.44 16.17
C PRO C 9 0.23 -22.15 16.93
N GLY C 10 0.83 -23.16 17.54
CA GLY C 10 2.06 -22.96 18.30
C GLY C 10 3.35 -23.27 17.56
N HIS C 11 3.35 -24.34 16.78
CA HIS C 11 4.55 -24.71 16.04
C HIS C 11 4.31 -25.77 14.97
N ALA C 12 5.20 -25.81 13.98
CA ALA C 12 5.09 -26.79 12.92
C ALA C 12 6.43 -27.53 12.79
N GLN C 13 6.44 -28.83 13.01
CA GLN C 13 7.68 -29.59 12.86
C GLN C 13 7.73 -30.13 11.45
N VAL C 14 8.63 -29.57 10.64
CA VAL C 14 8.78 -29.96 9.24
C VAL C 14 10.18 -30.51 8.98
N ARG C 15 10.25 -31.50 8.11
CA ARG C 15 11.51 -32.14 7.76
C ARG C 15 12.02 -31.71 6.39
N VAL C 16 13.31 -31.43 6.31
CA VAL C 16 13.92 -31.02 5.05
C VAL C 16 15.01 -32.02 4.64
N LEU C 17 15.23 -32.15 3.33
CA LEU C 17 16.24 -33.07 2.81
C LEU C 17 17.66 -32.62 3.18
N ASN C 18 17.91 -31.32 3.12
CA ASN C 18 19.21 -30.76 3.46
C ASN C 18 19.06 -29.71 4.54
N LEU C 19 19.46 -30.08 5.75
CA LEU C 19 19.36 -29.18 6.90
C LEU C 19 20.07 -27.85 6.66
N GLU C 20 21.32 -27.92 6.20
CA GLU C 20 22.09 -26.70 5.96
C GLU C 20 21.40 -25.71 5.06
N GLU C 21 20.90 -26.15 3.91
CA GLU C 21 20.25 -25.19 3.06
C GLU C 21 18.86 -24.83 3.59
N GLY C 22 18.34 -25.66 4.49
CA GLY C 22 17.05 -25.38 5.10
C GLY C 22 17.27 -24.26 6.12
N ILE C 23 18.40 -24.31 6.82
CA ILE C 23 18.75 -23.30 7.82
C ILE C 23 18.88 -21.94 7.14
N HIS C 24 19.71 -21.91 6.10
CA HIS C 24 19.96 -20.70 5.32
C HIS C 24 18.67 -20.12 4.76
N PHE C 25 17.87 -20.98 4.14
CA PHE C 25 16.63 -20.53 3.53
C PHE C 25 15.66 -19.89 4.53
N TYR C 26 15.26 -20.65 5.55
CA TYR C 26 14.33 -20.14 6.54
C TYR C 26 14.85 -18.99 7.38
N ARG C 27 16.16 -18.79 7.41
CA ARG C 27 16.69 -17.71 8.22
C ARG C 27 17.02 -16.46 7.42
N ASN C 28 17.65 -16.65 6.27
CA ASN C 28 18.07 -15.54 5.41
C ASN C 28 17.08 -15.18 4.31
N VAL C 29 16.23 -16.12 3.94
CA VAL C 29 15.23 -15.87 2.91
C VAL C 29 13.87 -15.57 3.51
N LEU C 30 13.30 -16.54 4.23
CA LEU C 30 11.99 -16.32 4.84
C LEU C 30 12.09 -15.33 5.98
N GLY C 31 13.29 -15.16 6.52
CA GLY C 31 13.48 -14.22 7.60
C GLY C 31 13.04 -14.65 8.99
N LEU C 32 13.07 -15.95 9.28
CA LEU C 32 12.73 -16.42 10.61
C LEU C 32 13.96 -16.25 11.49
N VAL C 33 13.72 -16.12 12.79
CA VAL C 33 14.77 -15.96 13.78
C VAL C 33 15.11 -17.33 14.39
N GLU C 34 16.35 -17.78 14.20
CA GLU C 34 16.79 -19.08 14.73
C GLU C 34 16.81 -18.96 16.24
N THR C 35 16.39 -19.97 16.96
CA THR C 35 16.36 -19.74 18.39
C THR C 35 17.00 -20.82 19.27
N GLY C 36 17.47 -21.87 18.63
CA GLY C 36 18.12 -22.95 19.33
C GLY C 36 18.24 -24.19 18.48
N ARG C 37 19.19 -25.04 18.84
CA ARG C 37 19.42 -26.29 18.12
C ARG C 37 19.71 -27.35 19.19
N ASP C 38 18.80 -28.33 19.33
CA ASP C 38 18.99 -29.36 20.34
C ASP C 38 20.00 -30.44 19.96
N ASP C 39 20.02 -31.50 20.74
CA ASP C 39 20.94 -32.62 20.52
C ASP C 39 20.48 -33.60 19.44
N GLN C 40 19.23 -33.48 19.01
CA GLN C 40 18.66 -34.35 17.98
C GLN C 40 18.94 -33.81 16.59
N GLY C 41 19.56 -32.64 16.52
CA GLY C 41 19.86 -32.05 15.23
C GLY C 41 18.73 -31.19 14.70
N ARG C 42 17.80 -30.82 15.57
CA ARG C 42 16.69 -29.99 15.14
C ARG C 42 17.01 -28.53 15.45
N VAL C 43 16.66 -27.65 14.52
CA VAL C 43 16.91 -26.21 14.72
C VAL C 43 15.57 -25.49 14.79
N TYR C 44 15.42 -24.67 15.83
CA TYR C 44 14.18 -23.94 16.07
C TYR C 44 14.19 -22.51 15.54
N PHE C 45 13.04 -22.09 15.02
CA PHE C 45 12.84 -20.75 14.48
C PHE C 45 11.55 -20.15 15.01
N LYS C 46 11.42 -18.83 14.86
CA LYS C 46 10.21 -18.11 15.26
C LYS C 46 10.13 -16.83 14.42
N CYS C 47 8.94 -16.24 14.33
CA CYS C 47 8.78 -15.00 13.57
C CYS C 47 9.30 -13.92 14.50
N TRP C 48 9.97 -12.90 13.95
CA TRP C 48 10.53 -11.85 14.78
C TRP C 48 9.53 -11.20 15.73
N ASP C 49 8.25 -11.11 15.31
CA ASP C 49 7.24 -10.46 16.13
C ASP C 49 6.54 -11.33 17.18
N GLU C 50 6.70 -12.65 17.13
CA GLU C 50 6.06 -13.51 18.13
C GLU C 50 6.85 -13.36 19.40
N ARG C 51 6.35 -13.89 20.51
CA ARG C 51 7.07 -13.77 21.77
C ARG C 51 7.63 -15.10 22.28
N ASP C 52 7.03 -16.20 21.85
CA ASP C 52 7.47 -17.53 22.29
C ASP C 52 8.69 -18.06 21.55
N HIS C 53 9.46 -18.90 22.24
CA HIS C 53 10.70 -19.47 21.71
C HIS C 53 10.75 -19.96 20.27
N SER C 54 9.71 -20.68 19.85
CA SER C 54 9.69 -21.22 18.49
C SER C 54 8.28 -21.44 17.97
N CYS C 55 8.17 -21.49 16.64
CA CYS C 55 6.90 -21.74 15.94
C CYS C 55 7.19 -22.61 14.70
N TYR C 56 8.47 -22.73 14.35
CA TYR C 56 8.87 -23.54 13.20
C TYR C 56 10.17 -24.25 13.49
N ILE C 57 10.18 -25.58 13.32
CA ILE C 57 11.37 -26.36 13.58
C ILE C 57 11.63 -27.36 12.44
N ILE C 58 12.86 -27.37 11.93
CA ILE C 58 13.19 -28.27 10.85
C ILE C 58 14.11 -29.39 11.31
N ARG C 59 13.98 -30.53 10.63
CA ARG C 59 14.76 -31.72 10.94
C ARG C 59 15.14 -32.45 9.64
N GLU C 60 16.44 -32.67 9.43
CA GLU C 60 16.91 -33.34 8.23
C GLU C 60 16.41 -34.77 8.22
N ALA C 61 15.38 -35.04 7.41
CA ALA C 61 14.83 -36.37 7.34
C ALA C 61 15.02 -36.98 5.96
N ASP C 62 14.80 -38.28 5.87
CA ASP C 62 14.95 -39.00 4.62
C ASP C 62 13.96 -38.46 3.58
N THR C 63 12.87 -37.86 4.04
CA THR C 63 11.85 -37.30 3.14
C THR C 63 11.35 -35.96 3.65
N ALA C 64 10.57 -35.26 2.82
CA ALA C 64 10.01 -33.96 3.19
C ALA C 64 8.58 -34.11 3.72
N GLY C 65 8.07 -33.04 4.31
CA GLY C 65 6.70 -33.07 4.84
C GLY C 65 6.63 -32.59 6.27
N ILE C 66 5.51 -32.86 6.93
CA ILE C 66 5.34 -32.43 8.31
C ILE C 66 5.27 -33.59 9.31
N ASP C 67 5.98 -33.45 10.42
CA ASP C 67 5.95 -34.48 11.46
C ASP C 67 4.70 -34.24 12.29
N PHE C 68 4.54 -33.00 12.76
CA PHE C 68 3.40 -32.66 13.59
C PHE C 68 3.13 -31.16 13.64
N PHE C 69 1.93 -30.80 14.06
CA PHE C 69 1.51 -29.41 14.16
C PHE C 69 0.89 -29.19 15.54
N GLY C 70 1.46 -28.25 16.30
CA GLY C 70 0.95 -27.99 17.64
C GLY C 70 0.20 -26.70 17.86
N PHE C 71 -0.64 -26.69 18.89
CA PHE C 71 -1.44 -25.53 19.26
C PHE C 71 -1.23 -25.19 20.74
N LYS C 72 -0.94 -23.92 21.03
CA LYS C 72 -0.77 -23.54 22.42
C LYS C 72 -2.16 -23.32 23.02
N VAL C 73 -2.36 -23.76 24.26
CA VAL C 73 -3.68 -23.58 24.91
C VAL C 73 -3.52 -22.55 26.05
N LEU C 74 -4.62 -22.13 26.64
CA LEU C 74 -4.56 -21.11 27.69
C LEU C 74 -3.59 -21.43 28.82
N ASP C 75 -3.76 -22.57 29.48
CA ASP C 75 -2.89 -22.96 30.60
C ASP C 75 -2.86 -24.47 30.84
N LYS C 76 -2.07 -24.89 31.83
CA LYS C 76 -1.94 -26.30 32.15
C LYS C 76 -3.30 -26.92 32.48
N ALA C 77 -4.13 -26.16 33.19
CA ALA C 77 -5.47 -26.65 33.53
C ALA C 77 -6.27 -26.94 32.27
N THR C 78 -6.14 -26.07 31.27
CA THR C 78 -6.85 -26.24 30.01
C THR C 78 -6.31 -27.47 29.30
N LEU C 79 -4.97 -27.59 29.31
CA LEU C 79 -4.29 -28.72 28.68
C LEU C 79 -4.85 -30.04 29.18
N GLU C 80 -4.84 -30.23 30.50
CA GLU C 80 -5.35 -31.46 31.11
C GLU C 80 -6.80 -31.65 30.68
N LYS C 81 -7.56 -30.57 30.77
CA LYS C 81 -8.98 -30.56 30.42
C LYS C 81 -9.20 -31.11 28.99
N LEU C 82 -8.43 -30.59 28.04
CA LEU C 82 -8.56 -31.04 26.65
C LEU C 82 -8.07 -32.48 26.44
N ASP C 83 -6.98 -32.86 27.09
CA ASP C 83 -6.49 -34.23 26.96
C ASP C 83 -7.66 -35.15 27.35
N ALA C 84 -8.30 -34.86 28.48
CA ALA C 84 -9.42 -35.67 28.96
C ALA C 84 -10.60 -35.73 27.99
N ASP C 85 -10.93 -34.61 27.37
CA ASP C 85 -12.04 -34.54 26.43
C ASP C 85 -11.71 -35.33 25.16
N LEU C 86 -10.42 -35.40 24.83
CA LEU C 86 -9.99 -36.13 23.64
C LEU C 86 -10.14 -37.63 23.91
N GLN C 87 -9.81 -38.05 25.12
CA GLN C 87 -9.92 -39.47 25.45
C GLN C 87 -11.39 -39.86 25.61
N ALA C 88 -12.18 -39.00 26.24
CA ALA C 88 -13.61 -39.30 26.43
C ALA C 88 -14.27 -39.44 25.06
N TYR C 89 -13.75 -38.69 24.08
CA TYR C 89 -14.26 -38.69 22.72
C TYR C 89 -13.90 -40.01 22.04
N GLY C 90 -12.82 -40.63 22.52
CA GLY C 90 -12.40 -41.90 21.96
C GLY C 90 -11.04 -41.89 21.29
N LEU C 91 -10.37 -40.74 21.32
CA LEU C 91 -9.06 -40.62 20.70
C LEU C 91 -7.98 -41.02 21.69
N THR C 92 -6.94 -41.69 21.19
CA THR C 92 -5.84 -42.10 22.04
C THR C 92 -4.84 -40.96 22.07
N THR C 93 -4.40 -40.58 23.26
CA THR C 93 -3.45 -39.49 23.40
C THR C 93 -2.09 -39.93 23.95
N THR C 94 -1.05 -39.21 23.56
CA THR C 94 0.30 -39.48 24.00
C THR C 94 0.82 -38.23 24.70
N ARG C 95 1.34 -38.39 25.92
CA ARG C 95 1.85 -37.23 26.62
C ARG C 95 3.37 -37.12 26.50
N ILE C 96 3.84 -36.26 25.60
CA ILE C 96 5.27 -36.05 25.39
C ILE C 96 5.79 -35.22 26.58
N PRO C 97 6.83 -35.72 27.27
CA PRO C 97 7.40 -35.02 28.42
C PRO C 97 8.02 -33.65 28.14
N ALA C 98 8.00 -32.80 29.16
CA ALA C 98 8.55 -31.46 29.05
C ALA C 98 10.06 -31.54 28.87
N GLY C 99 10.57 -30.75 27.94
CA GLY C 99 11.98 -30.76 27.68
C GLY C 99 12.33 -31.50 26.40
N GLU C 100 11.48 -32.42 25.98
CA GLU C 100 11.75 -33.19 24.76
C GLU C 100 12.07 -32.20 23.65
N MET C 101 11.34 -31.09 23.65
CA MET C 101 11.52 -29.99 22.70
C MET C 101 12.15 -28.85 23.51
N LEU C 102 13.12 -28.17 22.91
CA LEU C 102 13.81 -27.06 23.57
C LEU C 102 12.84 -26.01 24.10
N GLU C 103 13.11 -25.56 25.32
CA GLU C 103 12.32 -24.54 25.99
C GLU C 103 10.81 -24.80 25.98
N THR C 104 10.43 -26.05 25.73
CA THR C 104 9.02 -26.43 25.68
C THR C 104 8.56 -27.34 26.81
N GLY C 105 7.29 -27.16 27.20
CA GLY C 105 6.71 -27.96 28.25
C GLY C 105 6.13 -29.22 27.66
N GLU C 106 5.57 -30.07 28.51
CA GLU C 106 4.99 -31.30 28.02
C GLU C 106 3.80 -30.95 27.15
N ARG C 107 3.54 -31.81 26.16
CA ARG C 107 2.44 -31.60 25.23
C ARG C 107 1.64 -32.87 25.00
N VAL C 108 0.37 -32.69 24.66
CA VAL C 108 -0.53 -33.82 24.41
C VAL C 108 -0.58 -34.02 22.90
N ARG C 109 -0.21 -35.21 22.43
CA ARG C 109 -0.24 -35.47 20.99
C ARG C 109 -1.20 -36.60 20.64
N PHE C 110 -1.93 -36.43 19.54
CA PHE C 110 -2.87 -37.45 19.10
C PHE C 110 -2.89 -37.47 17.58
N GLU C 111 -3.48 -38.51 17.00
CA GLU C 111 -3.55 -38.63 15.55
C GLU C 111 -4.99 -38.45 15.08
N LEU C 112 -5.16 -37.69 14.01
CA LEU C 112 -6.47 -37.45 13.45
C LEU C 112 -6.80 -38.49 12.39
N PRO C 113 -8.07 -38.60 12.00
CA PRO C 113 -8.52 -39.55 10.99
C PRO C 113 -7.81 -39.31 9.66
N SER C 114 -7.39 -38.07 9.46
CA SER C 114 -6.68 -37.66 8.24
C SER C 114 -5.23 -38.10 8.26
N GLY C 115 -4.81 -38.71 9.37
CA GLY C 115 -3.45 -39.19 9.47
C GLY C 115 -2.44 -38.23 10.06
N HIS C 116 -2.81 -36.95 10.22
CA HIS C 116 -1.90 -35.94 10.75
C HIS C 116 -1.83 -35.95 12.27
N LEU C 117 -0.62 -35.77 12.79
CA LEU C 117 -0.41 -35.72 14.23
C LEU C 117 -0.57 -34.28 14.72
N ILE C 118 -1.38 -34.11 15.76
CA ILE C 118 -1.63 -32.79 16.33
C ILE C 118 -1.07 -32.74 17.75
N GLU C 119 -0.59 -31.57 18.15
CA GLU C 119 -0.04 -31.40 19.48
C GLU C 119 -0.71 -30.23 20.21
N LEU C 120 -0.81 -30.36 21.53
CA LEU C 120 -1.41 -29.31 22.36
C LEU C 120 -0.47 -29.12 23.55
N TYR C 121 -0.06 -27.87 23.80
CA TYR C 121 0.82 -27.59 24.91
C TYR C 121 0.43 -26.27 25.54
N ALA C 122 0.81 -26.08 26.80
CA ALA C 122 0.50 -24.84 27.50
C ALA C 122 1.75 -24.08 27.87
N GLU C 123 2.90 -24.73 27.74
CA GLU C 123 4.15 -24.08 28.11
C GLU C 123 5.21 -23.99 27.03
N LYS C 124 5.87 -22.85 26.99
CA LYS C 124 6.94 -22.57 26.04
C LYS C 124 7.52 -21.22 26.43
N THR C 125 8.82 -21.22 26.72
CA THR C 125 9.52 -20.03 27.13
C THR C 125 9.26 -18.79 26.26
N CYS C 126 9.01 -17.68 26.92
CA CYS C 126 8.77 -16.40 26.26
C CYS C 126 10.11 -15.68 26.13
N VAL C 127 10.57 -15.49 24.89
CA VAL C 127 11.84 -14.82 24.64
C VAL C 127 11.66 -13.36 24.24
N GLY C 128 10.43 -13.00 23.86
CA GLY C 128 10.14 -11.63 23.44
C GLY C 128 10.32 -11.48 21.94
N ASN C 129 9.99 -10.31 21.40
CA ASN C 129 10.10 -10.05 19.97
C ASN C 129 11.32 -9.18 19.58
N GLY C 130 12.34 -9.17 20.43
CA GLY C 130 13.53 -8.40 20.13
C GLY C 130 13.40 -6.90 20.35
N ILE C 131 12.18 -6.46 20.68
CA ILE C 131 11.91 -5.05 20.93
C ILE C 131 11.70 -4.80 22.41
N SER C 132 12.15 -3.67 22.90
CA SER C 132 12.03 -3.36 24.32
C SER C 132 10.62 -3.51 24.89
N GLU C 133 10.53 -3.77 26.19
CA GLU C 133 9.25 -3.92 26.86
C GLU C 133 8.79 -2.56 27.37
N VAL C 134 9.63 -1.54 27.21
CA VAL C 134 9.27 -0.20 27.64
C VAL C 134 9.48 0.77 26.47
N ASN C 135 8.44 1.54 26.16
CA ASN C 135 8.50 2.48 25.03
C ASN C 135 8.94 1.76 23.77
N PRO C 136 8.30 0.62 23.46
CA PRO C 136 8.65 -0.17 22.27
C PRO C 136 8.41 0.55 20.95
N ALA C 137 9.28 0.27 19.98
CA ALA C 137 9.15 0.86 18.65
C ALA C 137 8.16 -0.02 17.88
N PRO C 138 7.65 0.48 16.73
CA PRO C 138 6.70 -0.30 15.92
C PRO C 138 7.36 -1.54 15.30
N TRP C 139 8.67 -1.46 15.09
CA TRP C 139 9.43 -2.57 14.50
C TRP C 139 10.93 -2.27 14.60
N ASN C 140 11.74 -3.15 14.01
CA ASN C 140 13.19 -2.99 14.03
C ASN C 140 13.78 -3.65 12.79
N ALA C 141 15.12 -3.71 12.73
CA ALA C 141 15.81 -4.30 11.59
C ALA C 141 15.34 -5.72 11.28
N GLN C 142 14.86 -6.43 12.29
CA GLN C 142 14.38 -7.79 12.09
C GLN C 142 13.32 -7.83 11.00
N ARG C 143 12.48 -6.80 10.94
CA ARG C 143 11.39 -6.71 9.96
C ARG C 143 11.89 -6.64 8.52
N GLU C 144 13.15 -6.29 8.35
CA GLU C 144 13.70 -6.16 7.01
C GLU C 144 14.66 -7.27 6.64
N HIS C 145 14.81 -8.24 7.54
CA HIS C 145 15.71 -9.36 7.29
C HIS C 145 14.94 -10.41 6.51
N GLY C 146 15.18 -10.48 5.22
CA GLY C 146 14.46 -11.43 4.39
C GLY C 146 13.00 -11.03 4.41
N ILE C 147 12.12 -11.96 4.05
CA ILE C 147 10.69 -11.69 4.02
C ILE C 147 10.21 -11.27 5.42
N ALA C 148 10.70 -11.97 6.42
CA ALA C 148 10.41 -11.71 7.83
C ALA C 148 8.93 -11.63 8.22
N PRO C 149 8.23 -12.76 8.17
CA PRO C 149 6.80 -12.73 8.52
C PRO C 149 6.57 -12.42 10.00
N ILE C 150 5.31 -12.12 10.34
CA ILE C 150 4.91 -11.74 11.69
C ILE C 150 4.45 -12.86 12.63
N GLN C 151 3.87 -13.92 12.08
CA GLN C 151 3.44 -15.06 12.89
C GLN C 151 3.15 -16.29 12.06
N LEU C 152 3.15 -17.46 12.70
CA LEU C 152 2.79 -18.71 12.04
C LEU C 152 1.27 -18.56 12.06
N ASP C 153 0.67 -18.29 10.90
CA ASP C 153 -0.78 -18.07 10.83
C ASP C 153 -1.61 -19.34 10.89
N HIS C 154 -1.16 -20.36 10.16
CA HIS C 154 -1.87 -21.63 10.10
C HIS C 154 -1.13 -22.57 9.17
N CYS C 155 -1.82 -23.65 8.79
CA CYS C 155 -1.28 -24.64 7.87
C CYS C 155 -2.49 -25.29 7.23
N LEU C 156 -2.28 -25.91 6.08
CA LEU C 156 -3.37 -26.58 5.39
C LEU C 156 -2.93 -28.02 5.19
N LEU C 157 -3.71 -28.95 5.77
CA LEU C 157 -3.40 -30.37 5.67
C LEU C 157 -4.30 -31.08 4.69
N TYR C 158 -3.76 -32.13 4.09
CA TYR C 158 -4.47 -32.98 3.14
C TYR C 158 -4.53 -34.40 3.69
N GLY C 159 -5.74 -34.91 3.85
CA GLY C 159 -5.90 -36.25 4.37
C GLY C 159 -7.34 -36.66 4.23
N PRO C 160 -7.64 -37.96 4.38
CA PRO C 160 -9.01 -38.49 4.28
C PRO C 160 -9.90 -38.19 5.49
N ASN C 161 -11.21 -38.38 5.31
CA ASN C 161 -12.21 -38.17 6.36
C ASN C 161 -12.14 -36.78 6.98
N ILE C 162 -12.46 -35.76 6.19
CA ILE C 162 -12.43 -34.37 6.67
C ILE C 162 -13.57 -34.13 7.65
N ALA C 163 -14.71 -34.79 7.40
CA ALA C 163 -15.88 -34.65 8.26
C ALA C 163 -15.52 -35.01 9.70
N GLU C 164 -14.91 -36.17 9.88
CA GLU C 164 -14.51 -36.59 11.23
C GLU C 164 -13.53 -35.60 11.83
N VAL C 165 -12.59 -35.11 11.03
CA VAL C 165 -11.61 -34.14 11.55
C VAL C 165 -12.35 -32.90 12.04
N GLN C 166 -13.32 -32.46 11.25
CA GLN C 166 -14.10 -31.28 11.62
C GLN C 166 -14.76 -31.49 12.98
N LYS C 167 -15.44 -32.63 13.15
CA LYS C 167 -16.12 -32.93 14.41
C LYS C 167 -15.21 -32.78 15.61
N ILE C 168 -14.02 -33.34 15.53
CA ILE C 168 -13.08 -33.25 16.65
C ILE C 168 -12.72 -31.80 16.91
N PHE C 169 -12.45 -31.05 15.84
CA PHE C 169 -12.10 -29.65 16.01
C PHE C 169 -13.24 -28.79 16.55
N THR C 170 -14.44 -28.95 15.99
CA THR C 170 -15.57 -28.12 16.43
C THR C 170 -16.32 -28.66 17.66
N GLU C 171 -16.27 -29.96 17.91
CA GLU C 171 -16.96 -30.48 19.07
C GLU C 171 -16.04 -30.75 20.25
N VAL C 172 -14.73 -30.79 20.01
CA VAL C 172 -13.78 -31.05 21.08
C VAL C 172 -12.75 -29.93 21.34
N LEU C 173 -12.14 -29.42 20.28
CA LEU C 173 -11.13 -28.36 20.41
C LEU C 173 -11.64 -26.93 20.44
N GLY C 174 -12.96 -26.75 20.42
CA GLY C 174 -13.52 -25.42 20.46
C GLY C 174 -13.33 -24.61 19.19
N PHE C 175 -13.21 -25.29 18.05
CA PHE C 175 -13.07 -24.59 16.79
C PHE C 175 -14.44 -24.41 16.16
N TYR C 176 -14.51 -23.65 15.08
CA TYR C 176 -15.76 -23.42 14.37
C TYR C 176 -15.49 -23.15 12.91
N LEU C 177 -16.42 -23.56 12.05
CA LEU C 177 -16.28 -23.41 10.61
C LEU C 177 -16.41 -21.97 10.16
N VAL C 178 -15.39 -21.45 9.47
CA VAL C 178 -15.46 -20.10 8.99
C VAL C 178 -15.87 -20.17 7.53
N GLU C 179 -15.25 -21.07 6.78
CA GLU C 179 -15.58 -21.25 5.38
C GLU C 179 -15.41 -22.68 4.90
N ARG C 180 -16.16 -23.04 3.86
CA ARG C 180 -16.07 -24.38 3.31
C ARG C 180 -16.28 -24.44 1.81
N VAL C 181 -15.64 -25.43 1.20
CA VAL C 181 -15.76 -25.64 -0.22
C VAL C 181 -16.67 -26.86 -0.42
N LEU C 182 -17.86 -26.62 -0.96
CA LEU C 182 -18.83 -27.69 -1.21
C LEU C 182 -18.38 -28.55 -2.37
N SER C 183 -18.32 -29.86 -2.14
CA SER C 183 -17.92 -30.79 -3.19
C SER C 183 -19.09 -30.94 -4.16
N PRO C 184 -18.85 -31.53 -5.34
CA PRO C 184 -19.91 -31.72 -6.35
C PRO C 184 -21.24 -32.09 -5.67
N ASP C 185 -22.36 -31.72 -6.31
CA ASP C 185 -23.68 -31.99 -5.75
C ASP C 185 -23.72 -33.30 -4.95
N GLY C 186 -24.44 -33.29 -3.83
CA GLY C 186 -24.49 -34.44 -2.95
C GLY C 186 -23.50 -33.98 -1.92
N ASP C 187 -23.76 -32.77 -1.45
CA ASP C 187 -22.93 -32.06 -0.50
C ASP C 187 -22.29 -32.76 0.68
N SER C 188 -21.06 -32.34 0.91
CA SER C 188 -20.17 -32.79 1.97
C SER C 188 -19.04 -31.80 1.78
N ASP C 189 -18.33 -31.46 2.86
CA ASP C 189 -17.25 -30.49 2.70
C ASP C 189 -15.97 -31.10 2.16
N MET C 190 -15.53 -30.54 1.04
CA MET C 190 -14.31 -30.94 0.35
C MET C 190 -13.11 -30.22 0.95
N GLY C 191 -13.39 -29.04 1.48
CA GLY C 191 -12.38 -28.20 2.11
C GLY C 191 -13.02 -27.50 3.28
N ILE C 192 -12.25 -27.32 4.34
CA ILE C 192 -12.77 -26.74 5.55
C ILE C 192 -11.75 -25.78 6.20
N TRP C 193 -12.21 -24.57 6.56
CA TRP C 193 -11.35 -23.55 7.20
C TRP C 193 -11.83 -23.28 8.63
N LEU C 194 -11.05 -23.75 9.59
CA LEU C 194 -11.42 -23.61 11.00
C LEU C 194 -10.70 -22.52 11.81
N SER C 195 -11.42 -21.89 12.72
CA SER C 195 -10.85 -20.86 13.59
C SER C 195 -11.11 -21.20 15.05
N CYS C 196 -10.17 -20.83 15.92
CA CYS C 196 -10.33 -21.05 17.36
C CYS C 196 -10.12 -19.67 17.98
N SER C 197 -10.46 -18.64 17.20
CA SER C 197 -10.26 -17.25 17.59
C SER C 197 -11.12 -16.37 16.68
N HIS C 198 -10.70 -15.14 16.40
CA HIS C 198 -11.47 -14.32 15.46
C HIS C 198 -10.70 -14.11 14.15
N LYS C 199 -9.77 -15.02 13.87
CA LYS C 199 -9.00 -14.99 12.63
C LYS C 199 -9.82 -15.79 11.62
N VAL C 200 -9.63 -15.53 10.32
CA VAL C 200 -10.36 -16.27 9.28
C VAL C 200 -10.14 -17.77 9.43
N HIS C 201 -8.97 -18.17 9.92
CA HIS C 201 -8.67 -19.58 10.19
C HIS C 201 -7.31 -19.81 10.81
N ASP C 202 -7.25 -20.78 11.71
CA ASP C 202 -6.01 -21.14 12.36
C ASP C 202 -5.48 -22.41 11.72
N ILE C 203 -6.36 -23.11 11.00
CA ILE C 203 -6.00 -24.35 10.34
C ILE C 203 -7.08 -24.74 9.32
N ALA C 204 -6.67 -25.43 8.26
CA ALA C 204 -7.63 -25.87 7.24
C ALA C 204 -7.27 -27.28 6.76
N PHE C 205 -8.28 -27.97 6.24
CA PHE C 205 -8.13 -29.34 5.73
C PHE C 205 -8.84 -29.50 4.39
N VAL C 206 -8.25 -30.30 3.51
CA VAL C 206 -8.85 -30.57 2.22
C VAL C 206 -8.93 -32.08 2.05
N GLU C 207 -10.09 -32.57 1.63
CA GLU C 207 -10.32 -34.00 1.43
C GLU C 207 -9.27 -34.57 0.47
N TYR C 208 -8.58 -35.61 0.91
CA TYR C 208 -7.55 -36.22 0.09
C TYR C 208 -7.36 -37.69 0.44
N PRO C 209 -7.25 -38.56 -0.58
CA PRO C 209 -7.08 -40.01 -0.39
C PRO C 209 -5.86 -40.38 0.46
N GLU C 210 -4.76 -39.65 0.30
CA GLU C 210 -3.54 -39.92 1.04
C GLU C 210 -3.63 -39.23 2.39
N LYS C 211 -3.00 -39.82 3.41
CA LYS C 211 -3.04 -39.23 4.74
C LYS C 211 -1.68 -38.71 5.19
N GLY C 212 -1.69 -37.72 6.07
CA GLY C 212 -0.46 -37.13 6.58
C GLY C 212 0.20 -36.16 5.63
N LYS C 213 -0.53 -35.80 4.57
CA LYS C 213 -0.02 -34.87 3.58
C LYS C 213 -0.03 -33.42 4.04
N LEU C 214 1.05 -32.71 3.75
CA LEU C 214 1.17 -31.32 4.12
C LEU C 214 1.09 -30.44 2.89
N HIS C 215 0.04 -29.64 2.78
CA HIS C 215 -0.09 -28.76 1.62
C HIS C 215 0.87 -27.59 1.83
N HIS C 216 0.77 -26.93 2.98
CA HIS C 216 1.63 -25.80 3.29
C HIS C 216 1.42 -25.24 4.67
N CYS C 217 2.45 -24.59 5.19
CA CYS C 217 2.39 -23.90 6.48
C CYS C 217 2.31 -22.44 6.05
N SER C 218 1.54 -21.62 6.76
CA SER C 218 1.41 -20.22 6.36
C SER C 218 1.93 -19.17 7.34
N PHE C 219 2.50 -18.11 6.78
CA PHE C 219 3.05 -17.02 7.56
C PHE C 219 2.34 -15.71 7.26
N LEU C 220 2.05 -14.95 8.31
CA LEU C 220 1.35 -13.68 8.16
C LEU C 220 2.25 -12.53 7.78
N LEU C 221 1.77 -11.69 6.87
CA LEU C 221 2.50 -10.50 6.42
C LEU C 221 1.69 -9.27 6.85
N GLU C 222 2.35 -8.12 6.88
CA GLU C 222 1.71 -6.87 7.31
C GLU C 222 0.81 -6.17 6.30
N SER C 223 1.21 -6.15 5.04
CA SER C 223 0.42 -5.46 4.04
C SER C 223 0.60 -6.03 2.64
N TRP C 224 -0.23 -5.55 1.71
CA TRP C 224 -0.18 -5.97 0.31
C TRP C 224 1.21 -5.66 -0.26
N GLU C 225 1.78 -4.51 0.09
CA GLU C 225 3.10 -4.20 -0.42
C GLU C 225 4.11 -5.19 0.16
N GLN C 226 3.87 -5.72 1.35
CA GLN C 226 4.84 -6.67 1.89
C GLN C 226 4.75 -7.98 1.10
N VAL C 227 3.61 -8.25 0.48
CA VAL C 227 3.45 -9.47 -0.31
C VAL C 227 4.29 -9.36 -1.58
N LEU C 228 4.29 -8.18 -2.17
CA LEU C 228 5.08 -7.92 -3.37
C LEU C 228 6.55 -8.14 -3.05
N ARG C 229 7.01 -7.50 -1.98
CA ARG C 229 8.39 -7.61 -1.56
C ARG C 229 8.79 -9.07 -1.32
N ALA C 230 7.86 -9.87 -0.77
CA ALA C 230 8.12 -11.29 -0.54
C ALA C 230 8.40 -11.90 -1.90
N GLY C 231 7.56 -11.54 -2.88
CA GLY C 231 7.74 -12.04 -4.23
C GLY C 231 9.10 -11.68 -4.79
N ASP C 232 9.50 -10.41 -4.64
CA ASP C 232 10.81 -9.97 -5.14
C ASP C 232 11.91 -10.77 -4.47
N ILE C 233 11.82 -10.90 -3.15
CA ILE C 233 12.82 -11.65 -2.41
C ILE C 233 12.88 -13.10 -2.90
N MET C 234 11.72 -13.69 -3.18
CA MET C 234 11.70 -15.06 -3.67
C MET C 234 12.49 -15.17 -4.99
N SER C 235 12.31 -14.21 -5.89
CA SER C 235 13.01 -14.23 -7.17
C SER C 235 14.50 -14.02 -7.03
N MET C 236 14.88 -13.06 -6.20
CA MET C 236 16.28 -12.76 -5.97
C MET C 236 17.01 -14.01 -5.47
N ASN C 237 16.31 -14.88 -4.76
CA ASN C 237 16.93 -16.10 -4.26
C ASN C 237 16.53 -17.34 -5.07
N GLU C 238 16.04 -17.10 -6.28
CA GLU C 238 15.64 -18.16 -7.19
C GLU C 238 14.73 -19.21 -6.56
N VAL C 239 13.84 -18.74 -5.70
CA VAL C 239 12.89 -19.61 -5.02
C VAL C 239 11.73 -19.94 -5.96
N ASN C 240 11.41 -21.23 -6.11
CA ASN C 240 10.31 -21.64 -6.97
C ASN C 240 8.99 -21.22 -6.36
N VAL C 241 8.22 -20.45 -7.13
CA VAL C 241 6.93 -19.95 -6.71
C VAL C 241 5.82 -20.74 -7.40
N ASP C 242 4.85 -21.18 -6.60
CA ASP C 242 3.72 -21.95 -7.10
C ASP C 242 2.68 -21.04 -7.76
N ILE C 243 2.07 -20.16 -6.97
CA ILE C 243 1.10 -19.21 -7.49
C ILE C 243 1.57 -17.81 -7.09
N GLY C 244 1.82 -16.96 -8.09
CA GLY C 244 2.30 -15.60 -7.85
C GLY C 244 1.44 -14.79 -6.93
N PRO C 245 1.76 -13.50 -6.70
CA PRO C 245 0.96 -12.65 -5.81
C PRO C 245 -0.48 -12.50 -6.28
N THR C 246 -1.43 -12.85 -5.41
CA THR C 246 -2.84 -12.74 -5.79
C THR C 246 -3.76 -12.83 -4.57
N ARG C 247 -5.06 -12.87 -4.82
CA ARG C 247 -6.07 -12.97 -3.76
C ARG C 247 -6.87 -14.27 -3.86
N HIS C 248 -7.17 -14.89 -2.70
CA HIS C 248 -8.01 -16.08 -2.59
C HIS C 248 -9.41 -15.56 -2.41
N GLY C 249 -10.48 -16.24 -2.84
CA GLY C 249 -11.83 -15.73 -2.57
C GLY C 249 -12.06 -16.13 -1.11
N VAL C 250 -11.78 -17.40 -0.90
CA VAL C 250 -11.81 -18.05 0.37
C VAL C 250 -10.98 -17.12 1.21
N THR C 251 -11.56 -16.63 2.30
CA THR C 251 -10.87 -15.74 3.23
C THR C 251 -10.46 -14.35 2.70
N ARG C 252 -10.55 -14.12 1.40
CA ARG C 252 -10.18 -12.82 0.86
C ARG C 252 -8.70 -12.52 1.15
N GLY C 253 -7.97 -13.52 1.65
CA GLY C 253 -6.57 -13.32 1.97
C GLY C 253 -5.59 -13.31 0.81
N CYS C 254 -4.85 -12.22 0.66
CA CYS C 254 -3.87 -12.09 -0.41
C CYS C 254 -2.72 -13.01 -0.09
N THR C 255 -2.12 -13.61 -1.11
CA THR C 255 -1.06 -14.55 -0.82
C THR C 255 -0.15 -14.90 -1.99
N ILE C 256 0.84 -15.73 -1.67
CA ILE C 256 1.79 -16.25 -2.63
C ILE C 256 2.23 -17.63 -2.15
N TYR C 257 2.24 -18.60 -3.05
CA TYR C 257 2.68 -19.94 -2.71
C TYR C 257 4.06 -20.18 -3.31
N ALA C 258 5.00 -20.63 -2.49
CA ALA C 258 6.35 -20.90 -2.94
C ALA C 258 6.80 -22.22 -2.35
N TRP C 259 7.95 -22.70 -2.79
CA TRP C 259 8.47 -23.96 -2.27
C TRP C 259 9.78 -23.78 -1.57
N ASP C 260 10.00 -24.54 -0.51
CA ASP C 260 11.29 -24.39 0.12
C ASP C 260 12.23 -25.39 -0.58
N PRO C 261 13.54 -25.22 -0.39
CA PRO C 261 14.60 -26.06 -0.99
C PRO C 261 14.37 -27.57 -1.02
N SER C 262 13.55 -28.09 -0.11
CA SER C 262 13.25 -29.52 -0.07
C SER C 262 11.91 -29.83 -0.70
N GLY C 263 11.18 -28.81 -1.13
CA GLY C 263 9.88 -29.04 -1.73
C GLY C 263 8.70 -28.82 -0.79
N ASN C 264 8.96 -28.35 0.42
CA ASN C 264 7.90 -28.06 1.36
C ASN C 264 7.29 -26.71 0.96
N ARG C 265 6.01 -26.72 0.58
CA ARG C 265 5.33 -25.49 0.19
C ARG C 265 5.02 -24.66 1.43
N PHE C 266 5.22 -23.35 1.33
CA PHE C 266 4.90 -22.45 2.42
C PHE C 266 4.10 -21.31 1.82
N GLU C 267 3.51 -20.48 2.67
CA GLU C 267 2.72 -19.34 2.19
C GLU C 267 2.99 -18.09 3.01
N THR C 268 2.97 -16.94 2.32
CA THR C 268 3.14 -15.64 2.96
C THR C 268 1.87 -14.90 2.57
N PHE C 269 0.99 -14.63 3.53
CA PHE C 269 -0.23 -13.90 3.19
C PHE C 269 -0.60 -12.87 4.25
N MET C 270 -1.64 -12.09 3.93
CA MET C 270 -2.17 -11.09 4.84
C MET C 270 -3.61 -10.73 4.44
N GLY C 271 -4.36 -10.16 5.39
CA GLY C 271 -5.75 -9.80 5.11
C GLY C 271 -6.79 -10.82 5.54
N GLY C 272 -8.02 -10.59 5.11
CA GLY C 272 -9.11 -11.47 5.48
C GLY C 272 -10.03 -10.72 6.39
N TYR C 273 -11.24 -11.23 6.60
CA TYR C 273 -12.19 -10.56 7.47
C TYR C 273 -12.01 -10.98 8.92
N HIS C 274 -12.99 -10.66 9.75
CA HIS C 274 -12.88 -10.95 11.17
C HIS C 274 -14.04 -11.72 11.73
N PRO C 275 -14.07 -13.03 11.52
CA PRO C 275 -15.18 -13.82 12.03
C PRO C 275 -15.13 -14.07 13.53
N TYR C 276 -16.31 -14.26 14.12
CA TYR C 276 -16.44 -14.53 15.53
C TYR C 276 -17.23 -15.85 15.63
N PRO C 277 -17.16 -16.54 16.78
CA PRO C 277 -17.87 -17.81 16.99
C PRO C 277 -19.38 -17.79 16.73
N ASP C 278 -19.97 -16.60 16.72
CA ASP C 278 -21.41 -16.45 16.51
C ASP C 278 -21.75 -16.30 15.03
N TYR C 279 -20.75 -16.31 14.17
CA TYR C 279 -20.95 -16.16 12.73
C TYR C 279 -21.27 -17.45 12.00
N GLU C 280 -22.06 -17.34 10.93
CA GLU C 280 -22.43 -18.49 10.12
C GLU C 280 -21.35 -18.65 9.05
N PRO C 281 -20.94 -19.90 8.77
CA PRO C 281 -19.90 -20.17 7.77
C PRO C 281 -20.27 -19.76 6.34
N LEU C 282 -19.28 -19.39 5.53
CA LEU C 282 -19.52 -19.02 4.14
C LEU C 282 -19.26 -20.26 3.30
N SER C 283 -19.94 -20.38 2.16
CA SER C 283 -19.74 -21.56 1.32
C SER C 283 -19.38 -21.23 -0.13
N TRP C 284 -18.58 -22.10 -0.72
CA TRP C 284 -18.19 -21.94 -2.11
C TRP C 284 -18.60 -23.21 -2.86
N THR C 285 -19.19 -23.05 -4.03
CA THR C 285 -19.61 -24.20 -4.83
C THR C 285 -18.38 -24.83 -5.46
N TYR C 286 -18.42 -26.14 -5.71
CA TYR C 286 -17.29 -26.85 -6.30
C TYR C 286 -16.90 -26.31 -7.68
N ASP C 287 -17.89 -26.08 -8.53
CA ASP C 287 -17.63 -25.60 -9.88
C ASP C 287 -16.93 -24.25 -9.87
N ASN C 288 -17.22 -23.45 -8.85
CA ASN C 288 -16.63 -22.12 -8.73
C ASN C 288 -15.39 -22.08 -7.85
N PHE C 289 -14.81 -23.24 -7.59
CA PHE C 289 -13.65 -23.28 -6.72
C PHE C 289 -12.36 -22.58 -7.27
N ALA C 290 -12.25 -22.37 -8.60
CA ALA C 290 -11.10 -21.67 -9.23
C ALA C 290 -11.04 -20.21 -8.72
N GLN C 291 -12.21 -19.62 -8.58
CA GLN C 291 -12.36 -18.25 -8.08
C GLN C 291 -12.06 -18.18 -6.59
N GLY C 292 -12.38 -19.26 -5.89
CA GLY C 292 -12.14 -19.34 -4.45
C GLY C 292 -10.67 -19.50 -4.13
N LEU C 293 -9.98 -20.14 -5.07
CA LEU C 293 -8.55 -20.41 -5.03
C LEU C 293 -7.88 -19.07 -5.49
N ASP C 294 -8.06 -18.68 -6.76
CA ASP C 294 -7.53 -17.40 -7.26
C ASP C 294 -8.75 -16.57 -7.47
N TYR C 295 -8.78 -15.39 -6.89
CA TYR C 295 -9.93 -14.60 -7.13
C TYR C 295 -9.76 -13.72 -8.38
N PRO C 296 -8.72 -12.86 -8.46
CA PRO C 296 -8.72 -12.09 -9.72
C PRO C 296 -8.88 -12.97 -10.95
N GLN C 297 -7.99 -13.95 -11.04
CA GLN C 297 -8.01 -14.94 -12.08
C GLN C 297 -9.14 -15.89 -11.63
N ALA D 2 13.21 20.34 -20.31
CA ALA D 2 11.89 20.64 -20.95
C ALA D 2 11.42 19.49 -21.83
N MET D 3 10.11 19.26 -21.85
CA MET D 3 9.54 18.24 -22.72
C MET D 3 9.26 18.96 -24.03
N THR D 4 9.79 18.42 -25.12
CA THR D 4 9.62 18.97 -26.47
C THR D 4 9.35 17.81 -27.42
N GLY D 5 9.28 18.09 -28.71
CA GLY D 5 9.06 17.04 -29.70
C GLY D 5 7.81 16.24 -29.44
N VAL D 6 7.94 14.92 -29.39
CA VAL D 6 6.82 14.03 -29.13
C VAL D 6 6.67 14.00 -27.61
N LEU D 7 5.51 14.44 -27.11
CA LEU D 7 5.29 14.49 -25.67
C LEU D 7 4.88 13.17 -25.04
N ARG D 8 3.77 12.59 -25.51
CA ARG D 8 3.31 11.35 -24.91
C ARG D 8 2.24 10.64 -25.73
N PRO D 9 1.92 9.38 -25.34
CA PRO D 9 0.89 8.64 -26.09
C PRO D 9 -0.37 9.51 -26.08
N GLY D 10 -0.98 9.69 -27.24
CA GLY D 10 -2.17 10.50 -27.35
C GLY D 10 -3.48 9.73 -27.50
N HIS D 11 -3.46 8.68 -28.30
CA HIS D 11 -4.65 7.86 -28.47
C HIS D 11 -4.41 6.54 -29.18
N ALA D 12 -5.28 5.58 -28.88
CA ALA D 12 -5.25 4.26 -29.51
C ALA D 12 -6.68 4.01 -29.96
N GLN D 13 -6.85 3.64 -31.22
CA GLN D 13 -8.17 3.33 -31.73
C GLN D 13 -8.19 1.81 -31.87
N VAL D 14 -9.09 1.16 -31.15
CA VAL D 14 -9.15 -0.29 -31.17
C VAL D 14 -10.45 -0.83 -31.74
N ARG D 15 -10.36 -1.96 -32.45
CA ARG D 15 -11.53 -2.57 -33.03
C ARG D 15 -12.14 -3.57 -32.05
N VAL D 16 -13.46 -3.48 -31.89
CA VAL D 16 -14.18 -4.39 -31.01
C VAL D 16 -15.20 -5.15 -31.84
N LEU D 17 -15.45 -6.40 -31.48
CA LEU D 17 -16.41 -7.23 -32.20
C LEU D 17 -17.86 -6.82 -31.95
N ASN D 18 -18.07 -5.99 -30.93
CA ASN D 18 -19.42 -5.53 -30.59
C ASN D 18 -19.36 -4.21 -29.85
N LEU D 19 -19.82 -3.14 -30.50
CA LEU D 19 -19.78 -1.83 -29.89
C LEU D 19 -20.52 -1.72 -28.55
N GLU D 20 -21.54 -2.53 -28.33
CA GLU D 20 -22.28 -2.39 -27.07
C GLU D 20 -21.50 -2.93 -25.90
N GLU D 21 -21.04 -4.17 -26.05
CA GLU D 21 -20.25 -4.85 -25.03
C GLU D 21 -18.97 -4.02 -24.76
N GLY D 22 -18.51 -3.27 -25.77
CA GLY D 22 -17.32 -2.44 -25.62
C GLY D 22 -17.56 -1.22 -24.76
N ILE D 23 -18.63 -0.49 -25.09
CA ILE D 23 -19.02 0.68 -24.33
C ILE D 23 -19.34 0.29 -22.88
N HIS D 24 -20.08 -0.81 -22.61
CA HIS D 24 -20.31 -1.12 -21.18
C HIS D 24 -19.01 -1.50 -20.52
N PHE D 25 -18.13 -2.22 -21.21
CA PHE D 25 -16.87 -2.65 -20.60
C PHE D 25 -15.85 -1.57 -20.29
N TYR D 26 -15.62 -0.66 -21.24
CA TYR D 26 -14.63 0.39 -21.03
C TYR D 26 -15.10 1.51 -20.10
N ARG D 27 -16.40 1.77 -20.07
CA ARG D 27 -16.93 2.82 -19.24
C ARG D 27 -17.29 2.33 -17.84
N ASN D 28 -17.54 1.04 -17.74
CA ASN D 28 -17.91 0.51 -16.46
C ASN D 28 -16.98 -0.39 -15.74
N VAL D 29 -16.25 -1.17 -16.51
CA VAL D 29 -15.30 -2.09 -15.94
C VAL D 29 -13.95 -1.41 -15.85
N LEU D 30 -13.41 -0.96 -16.99
CA LEU D 30 -12.12 -0.29 -16.96
C LEU D 30 -12.28 1.09 -16.31
N GLY D 31 -13.47 1.66 -16.41
CA GLY D 31 -13.69 2.97 -15.80
C GLY D 31 -13.16 4.15 -16.58
N LEU D 32 -13.21 4.05 -17.90
CA LEU D 32 -12.80 5.15 -18.75
C LEU D 32 -13.99 6.09 -18.78
N VAL D 33 -13.75 7.32 -19.22
CA VAL D 33 -14.80 8.31 -19.29
C VAL D 33 -15.15 8.59 -20.74
N GLU D 34 -16.40 8.34 -21.13
CA GLU D 34 -16.83 8.59 -22.51
C GLU D 34 -16.96 10.09 -22.75
N THR D 35 -16.34 10.59 -23.81
CA THR D 35 -16.39 12.02 -24.11
C THR D 35 -17.13 12.38 -25.39
N GLY D 36 -17.38 11.38 -26.23
CA GLY D 36 -18.09 11.66 -27.45
C GLY D 36 -18.31 10.45 -28.34
N ARG D 37 -19.08 10.67 -29.40
CA ARG D 37 -19.39 9.65 -30.39
C ARG D 37 -19.59 10.40 -31.71
N ASP D 38 -18.91 9.98 -32.77
CA ASP D 38 -19.05 10.64 -34.06
C ASP D 38 -20.04 9.91 -34.97
N ASP D 39 -20.29 10.48 -36.14
CA ASP D 39 -21.23 9.86 -37.08
C ASP D 39 -20.67 8.62 -37.77
N GLN D 40 -19.40 8.32 -37.55
CA GLN D 40 -18.80 7.15 -38.17
C GLN D 40 -18.95 5.94 -37.30
N GLY D 41 -19.62 6.12 -36.18
CA GLY D 41 -19.83 5.02 -35.28
C GLY D 41 -18.68 4.77 -34.33
N ARG D 42 -17.89 5.78 -33.99
CA ARG D 42 -16.81 5.56 -33.03
C ARG D 42 -17.10 6.31 -31.75
N VAL D 43 -16.83 5.64 -30.63
CA VAL D 43 -17.03 6.23 -29.32
C VAL D 43 -15.68 6.55 -28.68
N TYR D 44 -15.54 7.78 -28.22
CA TYR D 44 -14.30 8.28 -27.62
C TYR D 44 -14.30 8.19 -26.10
N PHE D 45 -13.13 7.86 -25.55
CA PHE D 45 -12.94 7.72 -24.11
C PHE D 45 -11.63 8.39 -23.72
N LYS D 46 -11.51 8.69 -22.44
CA LYS D 46 -10.30 9.27 -21.89
C LYS D 46 -10.20 8.87 -20.42
N CYS D 47 -9.00 8.83 -19.86
CA CYS D 47 -8.88 8.50 -18.45
C CYS D 47 -9.42 9.72 -17.70
N TRP D 48 -9.99 9.51 -16.52
CA TRP D 48 -10.57 10.63 -15.76
C TRP D 48 -9.60 11.76 -15.41
N ASP D 49 -8.35 11.43 -15.09
CA ASP D 49 -7.38 12.44 -14.71
C ASP D 49 -6.67 13.18 -15.86
N GLU D 50 -6.70 12.63 -17.08
CA GLU D 50 -6.05 13.31 -18.22
C GLU D 50 -6.83 14.59 -18.49
N ARG D 51 -6.32 15.45 -19.35
CA ARG D 51 -7.01 16.70 -19.66
C ARG D 51 -7.57 16.77 -21.06
N ASP D 52 -6.96 16.04 -22.00
CA ASP D 52 -7.41 16.05 -23.37
C ASP D 52 -8.69 15.24 -23.58
N HIS D 53 -9.42 15.58 -24.64
CA HIS D 53 -10.70 14.95 -24.96
C HIS D 53 -10.69 13.43 -25.09
N SER D 54 -9.62 12.85 -25.65
CA SER D 54 -9.60 11.39 -25.81
C SER D 54 -8.22 10.75 -25.81
N CYS D 55 -8.17 9.49 -25.37
CA CYS D 55 -6.94 8.71 -25.35
C CYS D 55 -7.25 7.29 -25.85
N TYR D 56 -8.53 6.93 -25.91
CA TYR D 56 -8.91 5.58 -26.34
C TYR D 56 -10.21 5.61 -27.16
N ILE D 57 -10.14 5.13 -28.40
CA ILE D 57 -11.30 5.11 -29.30
C ILE D 57 -11.63 3.70 -29.79
N ILE D 58 -12.91 3.31 -29.74
CA ILE D 58 -13.25 1.99 -30.23
C ILE D 58 -14.20 2.08 -31.41
N ARG D 59 -14.04 1.12 -32.30
CA ARG D 59 -14.81 1.05 -33.52
C ARG D 59 -15.21 -0.39 -33.69
N GLU D 60 -16.45 -0.62 -34.08
CA GLU D 60 -16.93 -1.97 -34.26
C GLU D 60 -16.52 -2.45 -35.65
N ALA D 61 -15.88 -3.63 -35.68
CA ALA D 61 -15.42 -4.24 -36.91
C ALA D 61 -15.54 -5.76 -36.82
N ASP D 62 -15.16 -6.44 -37.89
CA ASP D 62 -15.23 -7.90 -37.96
C ASP D 62 -14.01 -8.57 -37.33
N THR D 63 -13.05 -7.77 -36.89
CA THR D 63 -11.85 -8.32 -36.26
C THR D 63 -11.33 -7.39 -35.17
N ALA D 64 -10.72 -7.97 -34.14
CA ALA D 64 -10.17 -7.19 -33.05
C ALA D 64 -8.79 -6.69 -33.48
N GLY D 65 -8.15 -5.89 -32.63
CA GLY D 65 -6.85 -5.37 -32.96
C GLY D 65 -6.76 -3.85 -32.88
N ILE D 66 -5.63 -3.30 -33.27
CA ILE D 66 -5.42 -1.86 -33.23
C ILE D 66 -5.41 -1.28 -34.64
N ASP D 67 -6.12 -0.17 -34.83
CA ASP D 67 -6.14 0.48 -36.13
C ASP D 67 -4.90 1.36 -36.21
N PHE D 68 -4.70 2.16 -35.18
CA PHE D 68 -3.55 3.04 -35.15
C PHE D 68 -3.30 3.57 -33.75
N PHE D 69 -2.07 4.01 -33.50
CA PHE D 69 -1.67 4.55 -32.21
C PHE D 69 -1.08 5.93 -32.50
N GLY D 70 -1.62 6.96 -31.86
CA GLY D 70 -1.10 8.29 -32.08
C GLY D 70 -0.36 8.85 -30.86
N PHE D 71 0.51 9.84 -31.10
CA PHE D 71 1.27 10.50 -30.04
C PHE D 71 1.04 12.00 -30.17
N LYS D 72 0.95 12.70 -29.04
CA LYS D 72 0.78 14.14 -29.14
C LYS D 72 2.13 14.83 -29.11
N VAL D 73 2.28 15.85 -29.95
CA VAL D 73 3.52 16.61 -30.02
C VAL D 73 3.36 17.97 -29.38
N LEU D 74 4.48 18.63 -29.13
CA LEU D 74 4.49 19.94 -28.48
C LEU D 74 3.60 20.99 -29.12
N ASP D 75 3.81 21.23 -30.41
CA ASP D 75 3.03 22.22 -31.15
C ASP D 75 2.99 21.96 -32.65
N LYS D 76 2.40 22.90 -33.39
CA LYS D 76 2.26 22.79 -34.83
C LYS D 76 3.60 22.77 -35.56
N ALA D 77 4.48 23.70 -35.19
CA ALA D 77 5.80 23.77 -35.81
C ALA D 77 6.49 22.44 -35.63
N THR D 78 6.35 21.88 -34.43
CA THR D 78 6.97 20.60 -34.10
C THR D 78 6.40 19.51 -35.00
N LEU D 79 5.08 19.54 -35.21
CA LEU D 79 4.42 18.55 -36.05
C LEU D 79 4.90 18.64 -37.51
N GLU D 80 5.13 19.85 -38.02
CA GLU D 80 5.60 19.98 -39.39
C GLU D 80 7.05 19.46 -39.44
N LYS D 81 7.89 19.93 -38.52
CA LYS D 81 9.27 19.49 -38.47
C LYS D 81 9.36 17.97 -38.50
N LEU D 82 8.56 17.30 -37.68
CA LEU D 82 8.60 15.84 -37.63
C LEU D 82 8.12 15.22 -38.95
N ASP D 83 7.09 15.81 -39.58
CA ASP D 83 6.57 15.29 -40.84
C ASP D 83 7.70 15.33 -41.87
N ALA D 84 8.36 16.48 -41.96
CA ALA D 84 9.47 16.67 -42.90
C ALA D 84 10.60 15.68 -42.64
N ASP D 85 10.91 15.47 -41.36
CA ASP D 85 11.98 14.55 -41.00
C ASP D 85 11.64 13.10 -41.35
N LEU D 86 10.39 12.72 -41.17
CA LEU D 86 9.95 11.37 -41.50
C LEU D 86 10.11 11.10 -43.00
N GLN D 87 9.65 12.04 -43.80
CA GLN D 87 9.74 11.92 -45.25
C GLN D 87 11.21 11.95 -45.66
N ALA D 88 11.97 12.86 -45.07
CA ALA D 88 13.38 12.98 -45.40
C ALA D 88 14.10 11.68 -45.04
N TYR D 89 13.52 10.94 -44.10
CA TYR D 89 14.08 9.67 -43.64
C TYR D 89 13.80 8.56 -44.66
N GLY D 90 12.80 8.77 -45.50
CA GLY D 90 12.45 7.78 -46.49
C GLY D 90 11.06 7.16 -46.34
N LEU D 91 10.26 7.71 -45.43
CA LEU D 91 8.90 7.22 -45.18
C LEU D 91 7.87 8.15 -45.83
N THR D 92 6.82 7.58 -46.42
CA THR D 92 5.80 8.41 -47.05
C THR D 92 4.78 8.76 -46.00
N THR D 93 4.28 9.97 -46.10
CA THR D 93 3.38 10.39 -45.07
C THR D 93 2.03 10.86 -45.59
N THR D 94 1.03 10.69 -44.73
CA THR D 94 -0.33 11.07 -45.05
C THR D 94 -0.81 12.10 -44.04
N ARG D 95 -1.58 13.07 -44.53
CA ARG D 95 -2.09 14.13 -43.68
C ARG D 95 -3.60 13.99 -43.54
N ILE D 96 -4.07 13.75 -42.31
CA ILE D 96 -5.50 13.64 -42.04
C ILE D 96 -5.95 15.00 -41.52
N PRO D 97 -6.91 15.63 -42.21
CA PRO D 97 -7.40 16.94 -41.78
C PRO D 97 -8.04 16.94 -40.39
N ALA D 98 -8.12 18.13 -39.80
CA ALA D 98 -8.73 18.31 -38.50
C ALA D 98 -10.22 18.03 -38.56
N GLY D 99 -10.75 17.35 -37.54
CA GLY D 99 -12.16 17.04 -37.53
C GLY D 99 -12.49 15.62 -37.93
N GLU D 100 -11.62 14.99 -38.70
CA GLU D 100 -11.85 13.61 -39.11
C GLU D 100 -12.13 12.83 -37.82
N MET D 101 -11.44 13.24 -36.77
CA MET D 101 -11.60 12.65 -35.44
C MET D 101 -12.23 13.77 -34.61
N LEU D 102 -13.20 13.43 -33.78
CA LEU D 102 -13.86 14.42 -32.93
C LEU D 102 -12.87 15.21 -32.08
N GLU D 103 -13.11 16.50 -31.97
CA GLU D 103 -12.28 17.38 -31.15
C GLU D 103 -10.78 17.22 -31.40
N THR D 104 -10.40 16.83 -32.61
CA THR D 104 -8.99 16.62 -32.90
C THR D 104 -8.48 17.41 -34.11
N GLY D 105 -7.23 17.85 -34.06
CA GLY D 105 -6.66 18.61 -35.15
C GLY D 105 -6.08 17.68 -36.20
N GLU D 106 -5.35 18.22 -37.17
CA GLU D 106 -4.75 17.39 -38.21
C GLU D 106 -3.66 16.52 -37.61
N ARG D 107 -3.39 15.39 -38.26
CA ARG D 107 -2.33 14.49 -37.79
C ARG D 107 -1.53 13.91 -38.94
N VAL D 108 -0.33 13.47 -38.62
CA VAL D 108 0.58 12.89 -39.59
C VAL D 108 0.58 11.39 -39.40
N ARG D 109 0.17 10.65 -40.43
CA ARG D 109 0.15 9.21 -40.35
C ARG D 109 1.21 8.57 -41.24
N PHE D 110 1.75 7.45 -40.78
CA PHE D 110 2.76 6.70 -41.54
C PHE D 110 2.79 5.26 -41.04
N GLU D 111 3.34 4.38 -41.86
CA GLU D 111 3.42 2.96 -41.50
C GLU D 111 4.85 2.55 -41.17
N LEU D 112 4.99 1.73 -40.13
CA LEU D 112 6.28 1.22 -39.68
C LEU D 112 6.58 -0.11 -40.38
N PRO D 113 7.86 -0.55 -40.36
CA PRO D 113 8.26 -1.81 -40.99
C PRO D 113 7.54 -3.00 -40.33
N SER D 114 7.06 -2.79 -39.11
CA SER D 114 6.35 -3.82 -38.36
C SER D 114 4.89 -3.93 -38.80
N GLY D 115 4.47 -2.99 -39.64
CA GLY D 115 3.10 -2.99 -40.13
C GLY D 115 2.10 -2.25 -39.27
N HIS D 116 2.58 -1.47 -38.31
CA HIS D 116 1.67 -0.72 -37.45
C HIS D 116 1.56 0.73 -37.92
N LEU D 117 0.36 1.28 -37.83
CA LEU D 117 0.11 2.65 -38.23
C LEU D 117 0.35 3.57 -37.05
N ILE D 118 1.23 4.56 -37.23
CA ILE D 118 1.52 5.51 -36.15
C ILE D 118 1.03 6.90 -36.56
N GLU D 119 0.61 7.68 -35.59
CA GLU D 119 0.08 9.02 -35.84
C GLU D 119 0.73 10.04 -34.94
N LEU D 120 0.79 11.28 -35.43
CA LEU D 120 1.37 12.39 -34.70
C LEU D 120 0.44 13.60 -34.84
N TYR D 121 0.08 14.24 -33.74
CA TYR D 121 -0.79 15.41 -33.78
C TYR D 121 -0.37 16.39 -32.71
N ALA D 122 -0.79 17.64 -32.85
CA ALA D 122 -0.42 18.67 -31.90
C ALA D 122 -1.62 19.37 -31.29
N GLU D 123 -2.76 19.21 -31.94
CA GLU D 123 -4.00 19.86 -31.49
C GLU D 123 -5.05 18.85 -31.08
N LYS D 124 -5.65 19.09 -29.92
CA LYS D 124 -6.70 18.24 -29.36
C LYS D 124 -7.38 18.99 -28.23
N THR D 125 -8.69 19.15 -28.32
CA THR D 125 -9.40 19.91 -27.28
C THR D 125 -9.13 19.45 -25.86
N CYS D 126 -8.94 20.42 -24.96
CA CYS D 126 -8.70 20.14 -23.56
C CYS D 126 -10.02 20.21 -22.81
N VAL D 127 -10.52 19.08 -22.34
CA VAL D 127 -11.78 19.06 -21.60
C VAL D 127 -11.58 19.20 -20.09
N GLY D 128 -10.44 18.73 -19.60
CA GLY D 128 -10.16 18.79 -18.19
C GLY D 128 -10.45 17.46 -17.48
N ASN D 129 -10.26 17.45 -16.17
CA ASN D 129 -10.49 16.24 -15.38
C ASN D 129 -11.73 16.32 -14.50
N GLY D 130 -12.62 17.26 -14.80
CA GLY D 130 -13.84 17.41 -14.01
C GLY D 130 -13.65 18.12 -12.69
N ILE D 131 -12.41 18.27 -12.27
CA ILE D 131 -12.08 18.94 -11.01
C ILE D 131 -11.80 20.42 -11.26
N SER D 132 -12.11 21.28 -10.29
CA SER D 132 -11.88 22.71 -10.47
C SER D 132 -10.41 23.05 -10.75
N GLU D 133 -10.16 24.22 -11.31
CA GLU D 133 -8.79 24.64 -11.63
C GLU D 133 -8.25 25.50 -10.50
N VAL D 134 -9.12 25.79 -9.54
CA VAL D 134 -8.76 26.61 -8.39
C VAL D 134 -9.06 25.80 -7.15
N ASN D 135 -8.06 25.63 -6.29
CA ASN D 135 -8.21 24.86 -5.06
C ASN D 135 -8.77 23.49 -5.42
N PRO D 136 -8.17 22.80 -6.39
CA PRO D 136 -8.63 21.48 -6.82
C PRO D 136 -8.43 20.38 -5.78
N ALA D 137 -9.35 19.44 -5.73
CA ALA D 137 -9.21 18.33 -4.80
C ALA D 137 -8.27 17.32 -5.46
N PRO D 138 -7.75 16.35 -4.69
CA PRO D 138 -6.84 15.34 -5.23
C PRO D 138 -7.56 14.40 -6.20
N TRP D 139 -8.87 14.27 -6.03
CA TRP D 139 -9.69 13.40 -6.87
C TRP D 139 -11.17 13.58 -6.55
N ASN D 140 -12.02 12.95 -7.34
CA ASN D 140 -13.46 13.02 -7.12
C ASN D 140 -14.06 11.61 -7.18
N ALA D 141 -15.37 11.52 -7.37
CA ALA D 141 -16.03 10.22 -7.44
C ALA D 141 -15.55 9.38 -8.63
N GLN D 142 -15.09 10.05 -9.67
CA GLN D 142 -14.62 9.33 -10.86
C GLN D 142 -13.53 8.34 -10.61
N ARG D 143 -12.68 8.60 -9.63
CA ARG D 143 -11.60 7.66 -9.49
C ARG D 143 -12.03 6.40 -8.83
N GLU D 144 -13.27 6.37 -8.42
CA GLU D 144 -13.75 5.15 -7.82
C GLU D 144 -14.76 4.54 -8.76
N HIS D 145 -14.83 5.03 -10.00
CA HIS D 145 -15.75 4.42 -10.95
C HIS D 145 -15.02 3.34 -11.71
N GLY D 146 -15.31 2.09 -11.36
CA GLY D 146 -14.63 0.98 -12.00
C GLY D 146 -13.14 1.06 -11.70
N ILE D 147 -12.32 0.37 -12.47
CA ILE D 147 -10.87 0.37 -12.26
C ILE D 147 -10.38 1.83 -12.21
N ALA D 148 -10.86 2.64 -13.14
CA ALA D 148 -10.52 4.06 -13.22
C ALA D 148 -9.03 4.44 -13.31
N PRO D 149 -8.35 4.02 -14.40
CA PRO D 149 -6.92 4.31 -14.60
C PRO D 149 -6.66 5.81 -14.77
N ILE D 150 -5.41 6.20 -14.57
CA ILE D 150 -4.98 7.61 -14.63
C ILE D 150 -4.62 8.16 -16.02
N GLN D 151 -4.01 7.33 -16.85
CA GLN D 151 -3.59 7.73 -18.20
C GLN D 151 -3.33 6.54 -19.07
N LEU D 152 -3.27 6.79 -20.38
CA LEU D 152 -2.95 5.76 -21.35
C LEU D 152 -1.42 5.83 -21.25
N ASP D 153 -0.82 4.80 -20.67
CA ASP D 153 0.62 4.78 -20.44
C ASP D 153 1.48 4.42 -21.65
N HIS D 154 1.02 3.46 -22.45
CA HIS D 154 1.77 2.99 -23.61
C HIS D 154 1.05 1.84 -24.27
N CYS D 155 1.72 1.23 -25.23
CA CYS D 155 1.17 0.06 -25.89
C CYS D 155 2.34 -0.83 -26.26
N LEU D 156 2.07 -2.11 -26.41
CA LEU D 156 3.11 -3.05 -26.78
C LEU D 156 2.68 -3.62 -28.13
N LEU D 157 3.49 -3.37 -29.15
CA LEU D 157 3.21 -3.83 -30.50
C LEU D 157 4.12 -4.98 -30.93
N TYR D 158 3.53 -5.94 -31.64
CA TYR D 158 4.22 -7.13 -32.12
C TYR D 158 4.38 -7.03 -33.64
N GLY D 159 5.62 -7.11 -34.10
CA GLY D 159 5.87 -7.03 -35.53
C GLY D 159 7.26 -7.49 -35.89
N PRO D 160 7.66 -7.35 -37.17
CA PRO D 160 8.97 -7.76 -37.66
C PRO D 160 9.75 -6.51 -38.01
N ASN D 161 11.05 -6.65 -38.26
CA ASN D 161 11.79 -5.47 -38.62
C ASN D 161 11.68 -4.54 -37.42
N ILE D 162 11.94 -5.08 -36.23
CA ILE D 162 11.89 -4.27 -35.01
C ILE D 162 13.11 -3.36 -34.98
N ALA D 163 14.24 -3.84 -35.50
CA ALA D 163 15.44 -3.03 -35.53
C ALA D 163 15.19 -1.76 -36.35
N GLU D 164 14.47 -1.88 -37.46
CA GLU D 164 14.17 -0.73 -38.29
C GLU D 164 13.21 0.22 -37.57
N VAL D 165 12.30 -0.34 -36.79
CA VAL D 165 11.34 0.45 -36.05
C VAL D 165 12.05 1.30 -35.00
N GLN D 166 13.02 0.69 -34.31
CA GLN D 166 13.79 1.38 -33.27
C GLN D 166 14.53 2.56 -33.88
N LYS D 167 15.12 2.35 -35.06
CA LYS D 167 15.86 3.40 -35.75
C LYS D 167 14.98 4.61 -36.02
N ILE D 168 13.75 4.37 -36.44
CA ILE D 168 12.82 5.45 -36.74
C ILE D 168 12.47 6.25 -35.47
N PHE D 169 12.13 5.55 -34.40
CA PHE D 169 11.77 6.22 -33.16
C PHE D 169 12.92 6.94 -32.50
N THR D 170 14.13 6.36 -32.57
CA THR D 170 15.28 7.01 -31.93
C THR D 170 15.98 8.08 -32.79
N GLU D 171 16.12 7.83 -34.09
CA GLU D 171 16.80 8.81 -34.94
C GLU D 171 15.87 9.87 -35.52
N VAL D 172 14.57 9.62 -35.52
CA VAL D 172 13.62 10.57 -36.07
C VAL D 172 12.64 11.18 -35.07
N LEU D 173 11.96 10.34 -34.29
CA LEU D 173 10.97 10.84 -33.35
C LEU D 173 11.48 11.26 -31.96
N GLY D 174 12.79 11.20 -31.78
CA GLY D 174 13.37 11.63 -30.51
C GLY D 174 13.17 10.74 -29.31
N PHE D 175 13.01 9.44 -29.53
CA PHE D 175 12.83 8.47 -28.44
C PHE D 175 14.19 7.87 -28.07
N TYR D 176 14.27 7.15 -26.96
CA TYR D 176 15.52 6.51 -26.59
C TYR D 176 15.25 5.14 -25.98
N LEU D 177 16.20 4.22 -26.14
CA LEU D 177 16.04 2.87 -25.62
C LEU D 177 16.22 2.83 -24.10
N VAL D 178 15.17 2.43 -23.39
CA VAL D 178 15.23 2.34 -21.92
C VAL D 178 15.65 0.94 -21.52
N GLU D 179 14.99 -0.05 -22.09
CA GLU D 179 15.31 -1.45 -21.82
C GLU D 179 15.17 -2.24 -23.12
N ARG D 180 15.82 -3.39 -23.16
CA ARG D 180 15.77 -4.26 -24.32
C ARG D 180 15.97 -5.71 -23.90
N VAL D 181 15.54 -6.63 -24.76
CA VAL D 181 15.65 -8.06 -24.53
C VAL D 181 16.54 -8.64 -25.65
N LEU D 182 17.77 -9.03 -25.30
CA LEU D 182 18.72 -9.57 -26.28
C LEU D 182 18.22 -10.87 -26.92
N SER D 183 18.44 -11.05 -28.22
CA SER D 183 18.02 -12.30 -28.83
C SER D 183 19.21 -13.25 -28.75
N PRO D 184 18.96 -14.57 -28.72
CA PRO D 184 20.04 -15.58 -28.64
C PRO D 184 21.25 -15.19 -29.47
N ASP D 185 22.44 -15.62 -29.06
CA ASP D 185 23.70 -15.30 -29.75
C ASP D 185 23.48 -14.92 -31.21
N GLY D 186 24.10 -13.80 -31.60
CA GLY D 186 23.95 -13.27 -32.94
C GLY D 186 23.20 -12.00 -32.68
N ASP D 187 23.60 -11.39 -31.55
CA ASP D 187 23.03 -10.17 -31.03
C ASP D 187 22.14 -9.35 -31.95
N SER D 188 20.93 -9.13 -31.44
CA SER D 188 19.87 -8.37 -32.07
C SER D 188 18.87 -8.27 -30.94
N ASP D 189 17.89 -7.39 -31.06
CA ASP D 189 16.91 -7.25 -30.00
C ASP D 189 15.58 -7.90 -30.35
N MET D 190 15.11 -8.77 -29.45
CA MET D 190 13.81 -9.44 -29.61
C MET D 190 12.73 -8.52 -29.05
N GLY D 191 13.11 -7.70 -28.06
CA GLY D 191 12.18 -6.77 -27.46
C GLY D 191 12.78 -5.39 -27.22
N ILE D 192 11.95 -4.36 -27.35
CA ILE D 192 12.42 -3.00 -27.16
C ILE D 192 11.40 -2.11 -26.43
N TRP D 193 11.89 -1.38 -25.44
CA TRP D 193 11.06 -0.47 -24.65
C TRP D 193 11.61 0.93 -24.88
N LEU D 194 10.81 1.78 -25.51
CA LEU D 194 11.23 3.14 -25.86
C LEU D 194 10.51 4.27 -25.13
N SER D 195 11.28 5.29 -24.76
CA SER D 195 10.76 6.44 -24.06
C SER D 195 11.01 7.77 -24.81
N CYS D 196 10.03 8.67 -24.76
CA CYS D 196 10.16 9.98 -25.38
C CYS D 196 10.05 11.02 -24.26
N SER D 197 10.32 10.55 -23.03
CA SER D 197 10.19 11.40 -21.85
C SER D 197 11.04 10.80 -20.74
N HIS D 198 10.62 10.93 -19.48
CA HIS D 198 11.39 10.29 -18.43
C HIS D 198 10.60 9.12 -17.86
N LYS D 199 9.63 8.65 -18.63
CA LYS D 199 8.86 7.47 -18.23
C LYS D 199 9.67 6.23 -18.63
N VAL D 200 9.48 5.12 -17.93
CA VAL D 200 10.23 3.91 -18.29
C VAL D 200 9.97 3.55 -19.75
N HIS D 201 8.81 3.91 -20.28
CA HIS D 201 8.50 3.63 -21.67
C HIS D 201 7.16 4.20 -22.08
N ASP D 202 7.10 4.71 -23.31
CA ASP D 202 5.89 5.27 -23.88
C ASP D 202 5.37 4.33 -24.95
N ILE D 203 6.21 3.38 -25.34
CA ILE D 203 5.84 2.38 -26.34
C ILE D 203 6.91 1.28 -26.38
N ALA D 204 6.51 0.10 -26.83
CA ALA D 204 7.46 -1.00 -26.93
C ALA D 204 7.10 -1.90 -28.10
N PHE D 205 8.12 -2.59 -28.61
CA PHE D 205 7.95 -3.50 -29.72
C PHE D 205 8.61 -4.86 -29.43
N VAL D 206 8.03 -5.92 -29.97
CA VAL D 206 8.56 -7.26 -29.79
C VAL D 206 8.55 -7.94 -31.15
N GLU D 207 9.67 -8.56 -31.50
CA GLU D 207 9.83 -9.25 -32.78
C GLU D 207 8.74 -10.31 -32.94
N TYR D 208 8.09 -10.33 -34.09
CA TYR D 208 7.01 -11.27 -34.38
C TYR D 208 6.77 -11.40 -35.88
N PRO D 209 6.43 -12.62 -36.36
CA PRO D 209 6.17 -12.89 -37.77
C PRO D 209 5.13 -11.95 -38.39
N GLU D 210 3.87 -12.14 -38.01
CA GLU D 210 2.79 -11.33 -38.54
C GLU D 210 3.01 -9.85 -38.25
N LYS D 211 2.48 -9.00 -39.13
CA LYS D 211 2.62 -7.57 -38.96
C LYS D 211 1.33 -6.98 -38.40
N GLY D 212 1.43 -5.74 -37.94
CA GLY D 212 0.27 -5.04 -37.39
C GLY D 212 -0.34 -5.61 -36.13
N LYS D 213 0.31 -6.58 -35.51
CA LYS D 213 -0.21 -7.20 -34.30
C LYS D 213 -0.07 -6.36 -33.01
N LEU D 214 -1.17 -6.28 -32.25
CA LEU D 214 -1.25 -5.54 -30.99
C LEU D 214 -1.16 -6.47 -29.78
N HIS D 215 -0.22 -6.24 -28.86
CA HIS D 215 -0.19 -7.10 -27.69
C HIS D 215 -1.17 -6.51 -26.68
N HIS D 216 -1.07 -5.19 -26.45
CA HIS D 216 -2.01 -4.53 -25.55
C HIS D 216 -1.76 -3.05 -25.43
N CYS D 217 -2.76 -2.34 -24.92
CA CYS D 217 -2.65 -0.93 -24.65
C CYS D 217 -2.65 -0.95 -23.15
N SER D 218 -1.80 -0.12 -22.53
CA SER D 218 -1.70 -0.10 -21.08
C SER D 218 -2.18 1.21 -20.45
N PHE D 219 -2.78 1.11 -19.27
CA PHE D 219 -3.28 2.24 -18.50
C PHE D 219 -2.63 2.26 -17.12
N LEU D 220 -2.21 3.44 -16.70
CA LEU D 220 -1.52 3.60 -15.44
C LEU D 220 -2.42 3.69 -14.21
N LEU D 221 -2.00 3.03 -13.13
CA LEU D 221 -2.74 3.07 -11.88
C LEU D 221 -1.88 3.76 -10.82
N GLU D 222 -2.53 4.19 -9.73
CA GLU D 222 -1.91 4.91 -8.62
C GLU D 222 -0.93 4.10 -7.76
N SER D 223 -1.33 2.90 -7.37
CA SER D 223 -0.48 2.08 -6.51
C SER D 223 -0.68 0.59 -6.66
N TRP D 224 0.14 -0.17 -5.92
CA TRP D 224 0.07 -1.62 -5.91
C TRP D 224 -1.30 -2.09 -5.44
N GLU D 225 -1.82 -1.44 -4.40
CA GLU D 225 -3.13 -1.78 -3.85
C GLU D 225 -4.22 -1.49 -4.88
N GLN D 226 -3.99 -0.48 -5.70
CA GLN D 226 -4.97 -0.13 -6.72
C GLN D 226 -4.94 -1.26 -7.75
N VAL D 227 -3.78 -1.90 -7.93
CA VAL D 227 -3.69 -3.00 -8.87
C VAL D 227 -4.50 -4.20 -8.33
N LEU D 228 -4.37 -4.47 -7.04
CA LEU D 228 -5.14 -5.55 -6.42
C LEU D 228 -6.64 -5.30 -6.64
N ARG D 229 -7.08 -4.08 -6.37
CA ARG D 229 -8.50 -3.67 -6.56
C ARG D 229 -8.95 -3.89 -8.00
N ALA D 230 -8.06 -3.61 -8.95
CA ALA D 230 -8.37 -3.78 -10.36
C ALA D 230 -8.63 -5.24 -10.64
N GLY D 231 -7.82 -6.11 -10.04
CA GLY D 231 -8.00 -7.53 -10.20
C GLY D 231 -9.32 -7.98 -9.59
N ASP D 232 -9.67 -7.42 -8.43
CA ASP D 232 -10.94 -7.76 -7.76
C ASP D 232 -12.12 -7.39 -8.67
N ILE D 233 -12.05 -6.21 -9.27
CA ILE D 233 -13.09 -5.71 -10.16
C ILE D 233 -13.23 -6.57 -11.41
N MET D 234 -12.09 -7.08 -11.89
CA MET D 234 -12.13 -7.93 -13.07
C MET D 234 -12.85 -9.23 -12.74
N SER D 235 -12.52 -9.82 -11.60
CA SER D 235 -13.16 -11.06 -11.20
C SER D 235 -14.66 -10.78 -11.10
N MET D 236 -15.01 -9.72 -10.40
CA MET D 236 -16.40 -9.33 -10.22
C MET D 236 -17.14 -9.18 -11.54
N ASN D 237 -16.42 -8.83 -12.59
CA ASN D 237 -17.06 -8.64 -13.87
C ASN D 237 -16.86 -9.75 -14.88
N GLU D 238 -16.39 -10.90 -14.40
CA GLU D 238 -16.19 -12.06 -15.26
C GLU D 238 -15.13 -11.80 -16.32
N VAL D 239 -14.30 -10.77 -16.12
CA VAL D 239 -13.27 -10.45 -17.09
C VAL D 239 -12.16 -11.50 -17.12
N ASN D 240 -11.93 -12.08 -18.29
CA ASN D 240 -10.89 -13.09 -18.44
C ASN D 240 -9.51 -12.47 -18.18
N VAL D 241 -8.80 -12.98 -17.19
CA VAL D 241 -7.48 -12.44 -16.88
C VAL D 241 -6.38 -13.29 -17.48
N ASP D 242 -5.37 -12.63 -18.05
CA ASP D 242 -4.24 -13.30 -18.67
C ASP D 242 -3.15 -13.54 -17.62
N ILE D 243 -2.55 -12.46 -17.13
CA ILE D 243 -1.52 -12.61 -16.12
C ILE D 243 -1.94 -11.87 -14.85
N GLY D 244 -2.09 -12.64 -13.77
CA GLY D 244 -2.52 -12.11 -12.48
C GLY D 244 -1.65 -10.99 -11.98
N PRO D 245 -2.04 -10.33 -10.88
CA PRO D 245 -1.24 -9.24 -10.32
C PRO D 245 0.19 -9.67 -10.00
N THR D 246 1.15 -9.02 -10.65
CA THR D 246 2.55 -9.33 -10.40
C THR D 246 3.48 -8.25 -10.94
N ARG D 247 4.75 -8.40 -10.62
CA ARG D 247 5.73 -7.44 -11.07
C ARG D 247 6.35 -7.94 -12.33
N HIS D 248 7.14 -7.11 -12.98
CA HIS D 248 7.65 -7.37 -14.34
C HIS D 248 8.96 -8.02 -14.53
N GLY D 249 9.97 -7.30 -14.14
CA GLY D 249 11.36 -7.63 -14.35
C GLY D 249 11.77 -6.40 -15.11
N VAL D 250 11.30 -6.34 -16.35
CA VAL D 250 11.55 -5.14 -17.14
C VAL D 250 10.67 -4.03 -16.67
N THR D 251 11.30 -2.88 -16.47
CA THR D 251 10.64 -1.65 -16.02
C THR D 251 10.23 -1.64 -14.55
N ARG D 252 10.33 -2.78 -13.86
CA ARG D 252 9.95 -2.88 -12.45
C ARG D 252 8.46 -2.61 -12.26
N GLY D 253 7.77 -2.33 -13.36
CA GLY D 253 6.34 -2.01 -13.32
C GLY D 253 5.47 -3.20 -12.91
N CYS D 254 4.56 -2.96 -12.00
CA CYS D 254 3.61 -3.98 -11.57
C CYS D 254 2.50 -4.02 -12.59
N THR D 255 1.80 -5.15 -12.69
CA THR D 255 0.79 -5.21 -13.72
C THR D 255 -0.18 -6.37 -13.61
N ILE D 256 -1.16 -6.30 -14.51
CA ILE D 256 -2.18 -7.29 -14.67
C ILE D 256 -2.61 -7.26 -16.11
N TYR D 257 -2.45 -8.38 -16.80
CA TYR D 257 -2.88 -8.49 -18.18
C TYR D 257 -4.27 -9.09 -18.16
N ALA D 258 -5.21 -8.42 -18.81
CA ALA D 258 -6.58 -8.91 -18.87
C ALA D 258 -7.08 -8.68 -20.29
N TRP D 259 -8.14 -9.39 -20.67
CA TRP D 259 -8.71 -9.26 -22.01
C TRP D 259 -10.05 -8.53 -22.02
N ASP D 260 -10.32 -7.71 -23.03
CA ASP D 260 -11.63 -7.09 -23.11
C ASP D 260 -12.55 -8.12 -23.80
N PRO D 261 -13.86 -7.85 -23.87
CA PRO D 261 -14.86 -8.73 -24.49
C PRO D 261 -14.57 -9.15 -25.93
N SER D 262 -13.89 -8.29 -26.68
CA SER D 262 -13.55 -8.58 -28.07
C SER D 262 -12.25 -9.36 -28.20
N GLY D 263 -11.53 -9.52 -27.10
CA GLY D 263 -10.27 -10.24 -27.15
C GLY D 263 -9.04 -9.35 -27.12
N ASN D 264 -9.24 -8.03 -27.09
CA ASN D 264 -8.13 -7.09 -27.03
C ASN D 264 -7.49 -7.11 -25.64
N ARG D 265 -6.17 -7.30 -25.57
CA ARG D 265 -5.52 -7.30 -24.28
C ARG D 265 -5.18 -5.87 -23.85
N PHE D 266 -5.37 -5.59 -22.56
CA PHE D 266 -5.02 -4.29 -22.01
C PHE D 266 -4.28 -4.55 -20.71
N GLU D 267 -3.63 -3.52 -20.17
CA GLU D 267 -2.87 -3.66 -18.94
C GLU D 267 -3.21 -2.55 -17.94
N THR D 268 -3.21 -2.87 -16.67
CA THR D 268 -3.39 -1.93 -15.59
C THR D 268 -2.03 -1.94 -14.94
N PHE D 269 -1.35 -0.83 -15.13
CA PHE D 269 0.03 -0.73 -14.79
C PHE D 269 0.45 0.33 -13.79
N MET D 270 1.58 0.11 -13.11
CA MET D 270 2.05 1.12 -12.17
C MET D 270 3.50 0.88 -11.73
N GLY D 271 4.16 1.94 -11.28
CA GLY D 271 5.53 1.78 -10.83
C GLY D 271 6.55 1.96 -11.94
N GLY D 272 7.79 1.60 -11.65
CA GLY D 272 8.86 1.73 -12.63
C GLY D 272 9.81 2.84 -12.21
N TYR D 273 11.03 2.82 -12.73
CA TYR D 273 12.00 3.84 -12.38
C TYR D 273 11.84 5.07 -13.27
N HIS D 274 12.78 6.00 -13.18
CA HIS D 274 12.69 7.26 -13.93
C HIS D 274 13.88 7.50 -14.86
N PRO D 275 13.91 6.80 -16.01
CA PRO D 275 15.02 6.99 -16.95
C PRO D 275 15.05 8.39 -17.57
N TYR D 276 16.22 8.80 -18.02
CA TYR D 276 16.41 10.09 -18.63
C TYR D 276 17.23 9.84 -19.92
N PRO D 277 17.16 10.75 -20.92
CA PRO D 277 17.86 10.61 -22.20
C PRO D 277 19.36 10.33 -22.10
N ASP D 278 19.98 10.68 -20.97
CA ASP D 278 21.41 10.44 -20.79
C ASP D 278 21.72 9.06 -20.20
N TYR D 279 20.68 8.28 -19.91
CA TYR D 279 20.90 6.96 -19.35
C TYR D 279 21.13 5.89 -20.41
N GLU D 280 21.97 4.91 -20.06
CA GLU D 280 22.26 3.77 -20.92
C GLU D 280 21.15 2.76 -20.69
N PRO D 281 20.72 2.04 -21.71
CA PRO D 281 19.65 1.05 -21.58
C PRO D 281 20.09 -0.19 -20.78
N LEU D 282 19.15 -0.79 -20.10
CA LEU D 282 19.39 -2.01 -19.38
C LEU D 282 19.07 -3.14 -20.34
N SER D 283 19.62 -4.33 -20.11
CA SER D 283 19.38 -5.45 -21.03
C SER D 283 19.00 -6.73 -20.29
N TRP D 284 18.17 -7.54 -20.94
CA TRP D 284 17.77 -8.81 -20.39
C TRP D 284 18.15 -9.87 -21.41
N THR D 285 18.84 -10.91 -20.97
CA THR D 285 19.23 -11.99 -21.87
C THR D 285 17.98 -12.77 -22.26
N TYR D 286 17.95 -13.27 -23.49
CA TYR D 286 16.79 -14.01 -23.97
C TYR D 286 16.40 -15.14 -23.03
N ASP D 287 17.39 -15.92 -22.62
CA ASP D 287 17.14 -17.04 -21.72
C ASP D 287 16.34 -16.64 -20.47
N ASN D 288 16.55 -15.42 -19.99
CA ASN D 288 15.87 -14.92 -18.79
C ASN D 288 14.64 -14.14 -19.13
N PHE D 289 14.03 -14.42 -20.18
CA PHE D 289 12.87 -13.67 -20.55
C PHE D 289 11.70 -13.79 -19.58
N ALA D 290 11.45 -15.01 -19.10
CA ALA D 290 10.39 -15.24 -18.13
C ALA D 290 10.54 -14.36 -16.83
N GLN D 291 11.78 -14.05 -16.41
CA GLN D 291 11.97 -13.18 -15.23
C GLN D 291 11.71 -11.78 -15.76
N GLY D 292 11.92 -11.64 -17.06
CA GLY D 292 11.65 -10.40 -17.74
C GLY D 292 10.18 -10.11 -17.53
N LEU D 293 9.29 -10.98 -18.01
CA LEU D 293 7.83 -10.75 -17.84
C LEU D 293 7.33 -10.95 -16.41
N ASP D 294 7.86 -11.92 -15.69
CA ASP D 294 7.38 -12.13 -14.33
C ASP D 294 8.53 -12.27 -13.39
N TYR D 295 8.89 -11.15 -12.80
CA TYR D 295 9.99 -11.16 -11.87
C TYR D 295 9.76 -12.17 -10.76
N PRO D 296 8.66 -12.07 -10.00
CA PRO D 296 8.50 -13.00 -8.88
C PRO D 296 8.38 -14.47 -9.26
N GLN D 297 7.69 -14.79 -10.38
CA GLN D 297 7.48 -16.20 -10.69
C GLN D 297 8.09 -16.62 -12.02
#